data_8XX0
#
_entry.id   8XX0
#
_cell.length_a   282.050
_cell.length_b   86.090
_cell.length_c   56.060
_cell.angle_alpha   90.000
_cell.angle_beta   97.190
_cell.angle_gamma   90.000
#
_symmetry.space_group_name_H-M   'C 1 2 1'
#
loop_
_entity.id
_entity.type
_entity.pdbx_description
1 polymer 'anti-IgE antibody HMK-12 Fab light chain'
2 polymer 'anti-IgE antibody HMK-12 Fab heavy chain'
3 polymer "SPE7 immunoglobulin E F(ab')2 heavy chain"
4 polymer "SPE7 immunoglobulin E F(ab')2 light chain"
5 branched 2-acetamido-2-deoxy-beta-D-glucopyranose-(1-4)-2-acetamido-2-deoxy-beta-D-glucopyranose
6 non-polymer 1,2-ETHANEDIOL
7 non-polymer 'octyl beta-D-glucopyranoside'
8 water water
#
loop_
_entity_poly.entity_id
_entity_poly.type
_entity_poly.pdbx_seq_one_letter_code
_entity_poly.pdbx_strand_id
1 'polypeptide(L)'
;DVQMNQSPSNLAASPGETVSINCKASKSISRYLAWYQQKPGKANKLLIFSGSTLQSGTPSRFSGSGSGTDFTLTIRNLEP
EDFGLYFCQQHNEFPLTFGSGTKLEIKRADAAPTVSIFPPSSEQLTSGGASVVCFLNNFYPKDINVKWKIDGSERQNGVL
NSWTDQDSKDSTYSMSSTLTLTKDEYERHNSYTCEATHKTSTSPIVKSFNRNEC
;
L
2 'polypeptide(L)'
;DVQLQESGPGFVTPSQSLSVTCSVTGYSLTASSYFWNWIRKFPGNKLEWMGYIGYDGSVYYNPSLKSRISITRDTSKRQF
FLQLKTVTNDDTALYYCARHGYYSSRVMDAWGQGTSVTVSSAKTTAPSVYPLAPGSGDTTNSMVTLGCLVKGYFPEPVTV
TWNSGSLSSGVHTFPAVLQSGLYTLSSSVTVPSSTWPSETVTCNVAHPASSTKVDKKIVPRGPTI
;
H
3 'polypeptide(L)'
;EVQLQQPGAELVKPGASVKLSCKASGYTFTSYWMHWVKQRPGRGLEWIGRIDPNGGGTKYNEKFKSKATLTVDKPSSTAY
MQLSSLTSEDSAVYYCARMWYYGTYYFDYWGQGTTLTVSSASIRNPQLYPLKPCKGTASMTLGCLVKDYFPGPVTVTWYS
DSLNMSTVNFPALGSELKVTTSQVTSWGKSAKNFTCHVTHPPSFNESRTILVRPVNITEPTLELLHSSCDPNAFHSTIQL
YCFIYGHILNDVSVSWLMDDREITDTLAQTVLIKEEGKLASTCSKLNITEQQWMSESTFTCKVTSQGVDYLAHTRRCPDH
E
;
A
4 'polypeptide(L)'
;QAVVTQESALTTSPGETVTLTCRSSTGAVTTSNYANWVQEKPDHLFTGLIGGTNNRAPGVPARFSGSLIGDKAALTITGA
QTEDEAIYFCALWYSNHLVFGGGTKLTVLGQPKSSPSVTLFPPSSEELETNKATLVCTITDFYPGVVTVDWKVDGTPVTQ
GMETTQPSKQSNNKYMASSYLTLTAGAWERHNSYSCQVTHEGHTVEKSLSRADCS
;
B
#
loop_
_chem_comp.id
_chem_comp.type
_chem_comp.name
_chem_comp.formula
BOG D-saccharide 'octyl beta-D-glucopyranoside' 'C14 H28 O6'
EDO non-polymer 1,2-ETHANEDIOL 'C2 H6 O2'
NAG D-saccharide, beta linking 2-acetamido-2-deoxy-beta-D-glucopyranose 'C8 H15 N O6'
#
# COMPACT_ATOMS: atom_id res chain seq x y z
N ASP A 1 3.14 0.45 37.07
CA ASP A 1 1.99 0.08 36.25
C ASP A 1 1.00 -0.77 37.04
N VAL A 2 -0.26 -0.70 36.65
CA VAL A 2 -1.30 -1.55 37.22
C VAL A 2 -1.33 -2.85 36.43
N GLN A 3 -1.23 -3.99 37.13
CA GLN A 3 -1.26 -5.30 36.50
C GLN A 3 -2.67 -5.87 36.62
N MET A 4 -3.28 -6.19 35.47
CA MET A 4 -4.60 -6.78 35.42
C MET A 4 -4.49 -8.28 35.22
N ASN A 5 -5.19 -9.04 36.04
CA ASN A 5 -5.20 -10.50 35.96
C ASN A 5 -6.61 -10.96 35.59
N GLN A 6 -6.76 -11.52 34.40
CA GLN A 6 -8.06 -11.91 33.86
C GLN A 6 -8.23 -13.42 33.95
N SER A 7 -9.46 -13.85 34.28
CA SER A 7 -9.75 -15.26 34.47
C SER A 7 -11.22 -15.55 34.21
N PRO A 8 -11.55 -16.69 33.57
CA PRO A 8 -10.59 -17.67 33.06
C PRO A 8 -10.11 -17.33 31.66
N SER A 9 -9.15 -18.10 31.16
CA SER A 9 -8.65 -17.87 29.81
C SER A 9 -9.54 -18.46 28.73
N ASN A 10 -10.38 -19.43 29.07
CA ASN A 10 -11.24 -20.09 28.10
C ASN A 10 -12.59 -20.41 28.72
N LEU A 11 -13.66 -20.14 27.96
CA LEU A 11 -15.02 -20.49 28.34
C LEU A 11 -15.71 -21.18 27.17
N ALA A 12 -16.52 -22.19 27.48
CA ALA A 12 -17.34 -22.87 26.49
C ALA A 12 -18.79 -22.80 26.94
N ALA A 13 -19.68 -22.42 26.02
CA ALA A 13 -21.08 -22.26 26.39
C ALA A 13 -21.95 -22.43 25.15
N SER A 14 -23.25 -22.63 25.40
CA SER A 14 -24.27 -22.71 24.37
C SER A 14 -25.11 -21.43 24.38
N PRO A 15 -25.71 -21.07 23.25
CA PRO A 15 -26.59 -19.89 23.23
C PRO A 15 -27.72 -20.03 24.24
N GLY A 16 -27.98 -18.94 24.97
CA GLY A 16 -28.97 -18.92 26.01
C GLY A 16 -28.42 -19.05 27.43
N GLU A 17 -27.16 -19.45 27.57
CA GLU A 17 -26.54 -19.61 28.87
C GLU A 17 -25.94 -18.28 29.35
N THR A 18 -25.46 -18.29 30.59
CA THR A 18 -24.88 -17.12 31.23
C THR A 18 -23.43 -17.40 31.60
N VAL A 19 -22.54 -16.46 31.28
CA VAL A 19 -21.12 -16.59 31.57
C VAL A 19 -20.64 -15.35 32.32
N SER A 20 -19.46 -15.47 32.93
CA SER A 20 -18.88 -14.37 33.70
C SER A 20 -17.37 -14.44 33.61
N ILE A 21 -16.76 -13.26 33.42
CA ILE A 21 -15.31 -13.10 33.34
C ILE A 21 -14.88 -12.14 34.44
N ASN A 22 -13.71 -12.39 35.04
CA ASN A 22 -13.24 -11.64 36.19
CA ASN A 22 -13.24 -11.64 36.19
C ASN A 22 -11.89 -11.01 35.90
N CYS A 23 -11.67 -9.81 36.43
CA CYS A 23 -10.39 -9.12 36.34
C CYS A 23 -10.03 -8.58 37.73
N LYS A 24 -8.86 -8.97 38.21
CA LYS A 24 -8.27 -8.45 39.43
C LYS A 24 -7.24 -7.38 39.09
N ALA A 25 -7.11 -6.40 39.98
CA ALA A 25 -6.16 -5.31 39.81
C ALA A 25 -5.12 -5.36 40.91
N SER A 26 -3.85 -5.15 40.54
CA SER A 26 -2.78 -5.18 41.52
C SER A 26 -2.90 -4.04 42.52
N LYS A 27 -3.54 -2.95 42.12
CA LYS A 27 -3.82 -1.82 43.02
C LYS A 27 -5.20 -1.29 42.69
N SER A 28 -5.75 -0.53 43.64
CA SER A 28 -7.09 0.02 43.47
C SER A 28 -7.16 0.92 42.25
N ILE A 29 -8.12 0.64 41.37
CA ILE A 29 -8.38 1.46 40.20
C ILE A 29 -9.73 2.16 40.30
N SER A 30 -10.27 2.28 41.52
CA SER A 30 -11.56 2.91 41.78
C SER A 30 -12.62 2.13 40.99
N ARG A 31 -13.39 2.78 40.13
CA ARG A 31 -14.38 2.10 39.30
CA ARG A 31 -14.38 2.10 39.30
C ARG A 31 -13.96 2.01 37.84
N TYR A 32 -12.82 2.58 37.48
CA TYR A 32 -12.39 2.68 36.08
C TYR A 32 -11.83 1.36 35.58
N LEU A 33 -12.73 0.51 35.08
CA LEU A 33 -12.37 -0.69 34.35
C LEU A 33 -13.33 -0.84 33.18
N ALA A 34 -12.78 -1.19 32.01
CA ALA A 34 -13.54 -1.30 30.79
C ALA A 34 -13.43 -2.71 30.23
N TRP A 35 -14.49 -3.15 29.57
CA TRP A 35 -14.57 -4.44 28.90
C TRP A 35 -14.75 -4.20 27.41
N TYR A 36 -13.88 -4.85 26.61
CA TYR A 36 -13.90 -4.81 25.16
C TYR A 36 -14.15 -6.21 24.61
N GLN A 37 -14.77 -6.25 23.43
CA GLN A 37 -15.12 -7.49 22.73
C GLN A 37 -14.57 -7.48 21.31
N GLN A 38 -14.07 -8.63 20.87
CA GLN A 38 -13.58 -8.81 19.51
C GLN A 38 -14.18 -10.06 18.90
N LYS A 39 -14.88 -9.90 17.81
CA LYS A 39 -15.41 -11.00 17.02
C LYS A 39 -14.37 -11.44 15.99
N PRO A 40 -14.39 -12.70 15.57
CA PRO A 40 -13.41 -13.17 14.57
C PRO A 40 -13.48 -12.36 13.29
N GLY A 41 -12.36 -11.75 12.93
CA GLY A 41 -12.29 -10.93 11.74
C GLY A 41 -12.82 -9.52 11.88
N LYS A 42 -13.06 -9.06 13.11
CA LYS A 42 -13.57 -7.72 13.36
C LYS A 42 -12.65 -6.97 14.31
N ALA A 43 -12.73 -5.65 14.25
CA ALA A 43 -11.92 -4.82 15.13
C ALA A 43 -12.45 -4.87 16.56
N ASN A 44 -11.58 -4.50 17.51
CA ASN A 44 -11.98 -4.46 18.91
C ASN A 44 -13.07 -3.42 19.12
N LYS A 45 -14.03 -3.76 19.98
CA LYS A 45 -15.21 -2.94 20.21
C LYS A 45 -15.41 -2.75 21.70
N LEU A 46 -15.54 -1.50 22.13
CA LEU A 46 -15.75 -1.20 23.54
C LEU A 46 -17.18 -1.54 23.94
N LEU A 47 -17.32 -2.37 24.97
CA LEU A 47 -18.63 -2.71 25.51
C LEU A 47 -18.97 -1.86 26.72
N ILE A 48 -18.17 -1.95 27.78
CA ILE A 48 -18.51 -1.30 29.03
C ILE A 48 -17.29 -0.51 29.51
N PHE A 49 -17.55 0.62 30.19
CA PHE A 49 -16.48 1.40 30.80
C PHE A 49 -16.95 1.91 32.15
N SER A 50 -15.97 2.37 32.95
CA SER A 50 -16.24 2.86 34.31
C SER A 50 -16.93 1.78 35.15
N GLY A 51 -16.58 0.52 34.89
CA GLY A 51 -17.12 -0.60 35.64
C GLY A 51 -18.49 -1.10 35.24
N SER A 52 -19.46 -0.19 35.10
CA SER A 52 -20.82 -0.59 34.82
C SER A 52 -21.52 0.21 33.73
N THR A 53 -20.90 1.24 33.17
CA THR A 53 -21.56 2.08 32.17
C THR A 53 -21.45 1.43 30.80
N LEU A 54 -22.59 1.19 30.16
CA LEU A 54 -22.62 0.59 28.83
C LEU A 54 -22.63 1.67 27.75
N GLN A 55 -22.01 1.36 26.63
CA GLN A 55 -22.22 2.18 25.45
C GLN A 55 -23.68 2.09 25.01
N SER A 56 -24.10 3.06 24.19
CA SER A 56 -25.49 3.08 23.74
C SER A 56 -25.84 1.81 22.96
N GLY A 57 -24.89 1.29 22.19
CA GLY A 57 -25.10 0.12 21.38
C GLY A 57 -24.86 -1.21 22.04
N THR A 58 -24.39 -1.22 23.28
CA THR A 58 -24.15 -2.49 23.97
C THR A 58 -25.46 -3.08 24.45
N PRO A 59 -25.78 -4.33 24.09
CA PRO A 59 -27.05 -4.92 24.53
C PRO A 59 -27.13 -5.06 26.04
N SER A 60 -28.37 -5.01 26.55
CA SER A 60 -28.60 -5.04 27.98
C SER A 60 -28.19 -6.36 28.63
N ARG A 61 -28.03 -7.43 27.83
CA ARG A 61 -27.61 -8.70 28.40
C ARG A 61 -26.18 -8.67 28.90
N PHE A 62 -25.39 -7.70 28.48
CA PHE A 62 -24.06 -7.48 29.03
C PHE A 62 -24.15 -6.53 30.21
N SER A 63 -23.49 -6.89 31.32
CA SER A 63 -23.46 -6.01 32.47
C SER A 63 -22.11 -6.14 33.16
N GLY A 64 -21.75 -5.12 33.93
CA GLY A 64 -20.50 -5.11 34.66
C GLY A 64 -20.71 -4.68 36.10
N SER A 65 -19.86 -5.22 36.97
CA SER A 65 -19.94 -4.88 38.39
C SER A 65 -18.54 -4.96 39.00
N GLY A 66 -18.42 -4.43 40.20
CA GLY A 66 -17.19 -4.49 40.96
C GLY A 66 -16.60 -3.10 41.19
N SER A 67 -15.52 -3.10 41.95
CA SER A 67 -14.82 -1.86 42.29
C SER A 67 -13.48 -2.22 42.91
N GLY A 68 -12.73 -1.17 43.28
CA GLY A 68 -11.44 -1.34 43.91
C GLY A 68 -10.47 -2.18 43.11
N THR A 69 -10.45 -3.48 43.39
CA THR A 69 -9.52 -4.40 42.73
C THR A 69 -10.20 -5.64 42.18
N ASP A 70 -11.54 -5.68 42.14
CA ASP A 70 -12.26 -6.86 41.70
C ASP A 70 -13.39 -6.41 40.79
N PHE A 71 -13.40 -6.90 39.54
CA PHE A 71 -14.41 -6.50 38.56
C PHE A 71 -14.86 -7.72 37.79
N THR A 72 -16.15 -7.77 37.45
CA THR A 72 -16.72 -8.91 36.75
C THR A 72 -17.65 -8.45 35.64
N LEU A 73 -17.50 -9.05 34.47
CA LEU A 73 -18.40 -8.86 33.35
C LEU A 73 -19.29 -10.10 33.22
N THR A 74 -20.61 -9.89 33.24
CA THR A 74 -21.58 -10.95 33.15
C THR A 74 -22.35 -10.83 31.84
N ILE A 75 -22.49 -11.95 31.13
CA ILE A 75 -23.24 -12.00 29.87
C ILE A 75 -24.36 -13.03 30.05
N ARG A 76 -25.60 -12.55 29.98
CA ARG A 76 -26.78 -13.39 30.14
C ARG A 76 -27.44 -13.63 28.79
N ASN A 77 -28.15 -14.74 28.68
CA ASN A 77 -28.90 -15.10 27.48
C ASN A 77 -28.03 -14.97 26.22
N LEU A 78 -26.98 -15.77 26.19
CA LEU A 78 -25.97 -15.65 25.15
C LEU A 78 -26.57 -15.80 23.76
N GLU A 79 -26.30 -14.82 22.91
CA GLU A 79 -26.63 -14.89 21.50
C GLU A 79 -25.43 -15.43 20.73
N PRO A 80 -25.64 -16.00 19.54
CA PRO A 80 -24.51 -16.52 18.75
C PRO A 80 -23.46 -15.46 18.43
N GLU A 81 -23.83 -14.18 18.40
CA GLU A 81 -22.86 -13.12 18.12
CA GLU A 81 -22.86 -13.13 18.12
C GLU A 81 -21.92 -12.86 19.29
N ASP A 82 -22.24 -13.33 20.49
CA ASP A 82 -21.47 -13.01 21.67
C ASP A 82 -20.22 -13.87 21.86
N PHE A 83 -20.00 -14.87 21.01
CA PHE A 83 -18.85 -15.75 21.17
C PHE A 83 -17.64 -15.15 20.48
N GLY A 84 -16.52 -15.09 21.20
CA GLY A 84 -15.36 -14.38 20.69
C GLY A 84 -14.35 -14.12 21.79
N LEU A 85 -13.66 -12.99 21.69
CA LEU A 85 -12.63 -12.61 22.65
C LEU A 85 -13.10 -11.43 23.50
N TYR A 86 -12.79 -11.49 24.79
CA TYR A 86 -13.10 -10.39 25.69
C TYR A 86 -11.86 -10.01 26.49
N PHE A 87 -11.67 -8.72 26.72
CA PHE A 87 -10.54 -8.32 27.55
C PHE A 87 -10.86 -7.03 28.29
N CYS A 88 -10.23 -6.88 29.46
CA CYS A 88 -10.43 -5.74 30.33
C CYS A 88 -9.25 -4.78 30.27
N GLN A 89 -9.54 -3.50 30.51
CA GLN A 89 -8.54 -2.44 30.52
C GLN A 89 -8.83 -1.52 31.68
N GLN A 90 -7.84 -1.31 32.56
CA GLN A 90 -8.00 -0.29 33.58
C GLN A 90 -7.79 1.08 32.95
N HIS A 91 -8.66 2.02 33.27
CA HIS A 91 -8.52 3.39 32.77
C HIS A 91 -8.53 4.36 33.93
N ASN A 92 -7.91 3.98 35.04
CA ASN A 92 -7.78 4.86 36.19
C ASN A 92 -6.55 5.75 36.07
N GLU A 93 -5.49 5.26 35.43
CA GLU A 93 -4.23 6.01 35.37
C GLU A 93 -3.44 5.56 34.16
N PHE A 94 -2.52 6.43 33.72
CA PHE A 94 -1.57 6.10 32.67
C PHE A 94 -0.31 5.48 33.28
N PRO A 95 0.30 4.49 32.62
CA PRO A 95 -0.11 3.95 31.32
C PRO A 95 -1.33 3.04 31.40
N LEU A 96 -2.18 3.10 30.39
CA LEU A 96 -3.32 2.21 30.31
C LEU A 96 -2.84 0.77 30.11
N THR A 97 -3.37 -0.14 30.92
CA THR A 97 -2.94 -1.53 30.89
C THR A 97 -4.15 -2.44 30.71
N PHE A 98 -3.88 -3.67 30.24
CA PHE A 98 -4.93 -4.58 29.81
C PHE A 98 -4.77 -5.93 30.49
N GLY A 99 -5.81 -6.76 30.34
CA GLY A 99 -5.78 -8.12 30.81
C GLY A 99 -5.42 -9.11 29.71
N SER A 100 -5.26 -10.38 30.11
CA SER A 100 -4.82 -11.40 29.17
C SER A 100 -5.89 -11.72 28.13
N GLY A 101 -7.15 -11.71 28.53
CA GLY A 101 -8.24 -12.00 27.63
C GLY A 101 -8.85 -13.37 27.87
N THR A 102 -10.08 -13.52 27.40
CA THR A 102 -10.87 -14.74 27.57
C THR A 102 -11.51 -15.09 26.25
N LYS A 103 -11.36 -16.35 25.83
CA LYS A 103 -12.00 -16.87 24.63
C LYS A 103 -13.28 -17.60 25.01
N LEU A 104 -14.41 -17.13 24.50
CA LEU A 104 -15.71 -17.76 24.69
C LEU A 104 -16.06 -18.46 23.38
N GLU A 105 -15.90 -19.78 23.37
CA GLU A 105 -16.22 -20.62 22.22
C GLU A 105 -17.62 -21.21 22.38
N ILE A 106 -18.23 -21.56 21.25
CA ILE A 106 -19.57 -22.13 21.24
C ILE A 106 -19.45 -23.65 21.36
N LYS A 107 -20.40 -24.25 22.07
CA LYS A 107 -20.38 -25.69 22.26
C LYS A 107 -21.05 -26.39 21.08
N ARG A 108 -20.75 -27.67 20.94
CA ARG A 108 -21.38 -28.52 19.95
C ARG A 108 -21.21 -29.97 20.39
N ALA A 109 -21.82 -30.88 19.64
CA ALA A 109 -21.73 -32.30 19.97
C ALA A 109 -20.31 -32.80 19.75
N ASP A 110 -19.90 -33.73 20.61
CA ASP A 110 -18.58 -34.33 20.49
C ASP A 110 -18.41 -34.99 19.12
N ALA A 111 -17.25 -34.75 18.49
CA ALA A 111 -16.96 -35.26 17.16
C ALA A 111 -15.58 -35.88 17.16
N ALA A 112 -15.47 -37.08 16.59
CA ALA A 112 -14.17 -37.75 16.51
C ALA A 112 -13.36 -37.19 15.34
N PRO A 113 -12.05 -37.04 15.52
CA PRO A 113 -11.24 -36.48 14.43
C PRO A 113 -10.98 -37.49 13.34
N THR A 114 -10.99 -37.01 12.09
CA THR A 114 -10.54 -37.80 10.96
C THR A 114 -9.03 -37.71 10.89
N VAL A 115 -8.36 -38.84 11.10
CA VAL A 115 -6.90 -38.88 11.22
C VAL A 115 -6.31 -39.41 9.92
N SER A 116 -5.22 -38.78 9.46
CA SER A 116 -4.63 -39.14 8.18
C SER A 116 -3.13 -38.87 8.22
N ILE A 117 -2.32 -39.87 7.90
CA ILE A 117 -0.86 -39.76 7.98
C ILE A 117 -0.29 -39.79 6.57
N PHE A 118 0.76 -38.99 6.35
CA PHE A 118 1.36 -38.80 5.04
C PHE A 118 2.87 -38.96 5.13
N PRO A 119 3.46 -39.80 4.28
CA PRO A 119 4.91 -39.98 4.28
C PRO A 119 5.60 -38.85 3.53
N PRO A 120 6.91 -38.71 3.70
CA PRO A 120 7.63 -37.68 2.94
C PRO A 120 7.63 -37.96 1.45
N SER A 121 7.71 -36.89 0.67
CA SER A 121 7.69 -36.99 -0.78
C SER A 121 9.10 -37.20 -1.32
N SER A 122 9.18 -37.67 -2.57
CA SER A 122 10.47 -37.82 -3.23
C SER A 122 11.12 -36.47 -3.48
N GLU A 123 10.33 -35.44 -3.77
CA GLU A 123 10.88 -34.11 -3.99
C GLU A 123 11.63 -33.60 -2.76
N GLN A 124 11.10 -33.87 -1.58
CA GLN A 124 11.76 -33.42 -0.34
C GLN A 124 12.96 -34.28 -0.01
N LEU A 125 12.85 -35.61 -0.18
CA LEU A 125 13.98 -36.49 0.07
C LEU A 125 15.13 -36.24 -0.90
N THR A 126 14.86 -35.62 -2.05
CA THR A 126 15.94 -35.25 -2.96
C THR A 126 16.89 -34.26 -2.30
N SER A 127 16.35 -33.33 -1.50
CA SER A 127 17.17 -32.31 -0.87
C SER A 127 17.88 -32.79 0.39
N GLY A 128 17.45 -33.91 0.96
CA GLY A 128 18.09 -34.49 2.13
C GLY A 128 17.26 -34.48 3.38
N GLY A 129 16.07 -33.86 3.35
CA GLY A 129 15.19 -33.81 4.49
C GLY A 129 13.93 -34.63 4.26
N ALA A 130 13.14 -34.76 5.33
CA ALA A 130 11.90 -35.52 5.26
C ALA A 130 10.93 -34.95 6.28
N SER A 131 9.65 -34.90 5.90
CA SER A 131 8.59 -34.41 6.77
C SER A 131 7.42 -35.38 6.73
N VAL A 132 7.09 -35.95 7.88
CA VAL A 132 5.96 -36.85 8.04
C VAL A 132 4.81 -36.05 8.63
N VAL A 133 3.64 -36.12 8.01
CA VAL A 133 2.52 -35.25 8.35
C VAL A 133 1.39 -36.09 8.93
N CYS A 134 0.66 -35.53 9.91
CA CYS A 134 -0.50 -36.18 10.48
C CYS A 134 -1.58 -35.13 10.67
N PHE A 135 -2.75 -35.38 10.08
CA PHE A 135 -3.90 -34.49 10.15
C PHE A 135 -4.97 -35.08 11.05
N LEU A 136 -5.64 -34.21 11.80
CA LEU A 136 -6.79 -34.56 12.63
C LEU A 136 -7.87 -33.52 12.33
N ASN A 137 -8.79 -33.85 11.44
CA ASN A 137 -9.76 -32.89 10.94
C ASN A 137 -11.12 -33.05 11.60
N ASN A 138 -11.75 -31.91 11.90
CA ASN A 138 -13.16 -31.81 12.31
C ASN A 138 -13.42 -32.64 13.58
N PHE A 139 -12.91 -32.13 14.69
CA PHE A 139 -13.12 -32.74 16.00
C PHE A 139 -13.54 -31.69 17.02
N TYR A 140 -14.21 -32.16 18.07
CA TYR A 140 -14.66 -31.34 19.19
C TYR A 140 -14.85 -32.28 20.37
N PRO A 141 -14.40 -31.91 21.58
CA PRO A 141 -13.77 -30.64 21.97
C PRO A 141 -12.35 -30.47 21.43
N LYS A 142 -11.75 -29.30 21.70
CA LYS A 142 -10.42 -29.02 21.17
C LYS A 142 -9.35 -29.89 21.81
N ASP A 143 -9.57 -30.33 23.04
CA ASP A 143 -8.57 -31.15 23.75
C ASP A 143 -8.27 -32.41 22.95
N ILE A 144 -6.99 -32.57 22.60
CA ILE A 144 -6.55 -33.70 21.78
C ILE A 144 -5.05 -33.84 21.96
N ASN A 145 -4.56 -35.08 21.86
CA ASN A 145 -3.14 -35.37 22.01
C ASN A 145 -2.64 -36.21 20.85
N VAL A 146 -1.39 -35.98 20.46
CA VAL A 146 -0.77 -36.68 19.34
C VAL A 146 0.54 -37.28 19.80
N LYS A 147 0.76 -38.55 19.47
CA LYS A 147 2.01 -39.24 19.77
C LYS A 147 2.60 -39.79 18.48
N TRP A 148 3.84 -39.42 18.19
CA TRP A 148 4.58 -39.94 17.05
C TRP A 148 5.37 -41.17 17.48
N LYS A 149 5.26 -42.25 16.70
CA LYS A 149 5.98 -43.48 16.99
C LYS A 149 6.70 -43.96 15.73
N ILE A 150 7.98 -44.24 15.89
CA ILE A 150 8.83 -44.76 14.83
C ILE A 150 9.34 -46.12 15.30
N ASP A 151 8.92 -47.18 14.60
CA ASP A 151 9.22 -48.57 14.99
C ASP A 151 8.78 -48.85 16.42
N GLY A 152 7.73 -48.18 16.88
CA GLY A 152 7.26 -48.34 18.24
C GLY A 152 7.89 -47.44 19.26
N SER A 153 8.91 -46.66 18.89
CA SER A 153 9.58 -45.75 19.82
C SER A 153 8.95 -44.37 19.73
N GLU A 154 8.62 -43.79 20.88
CA GLU A 154 8.04 -42.46 20.91
C GLU A 154 9.06 -41.41 20.48
N ARG A 155 8.60 -40.44 19.70
CA ARG A 155 9.46 -39.37 19.20
C ARG A 155 8.84 -38.04 19.58
N GLN A 156 9.61 -37.20 20.28
CA GLN A 156 9.15 -35.89 20.69
C GLN A 156 9.91 -34.74 20.05
N ASN A 157 11.10 -34.99 19.51
CA ASN A 157 11.90 -33.95 18.89
C ASN A 157 11.53 -33.79 17.41
N GLY A 158 11.56 -32.55 16.93
CA GLY A 158 11.25 -32.27 15.55
C GLY A 158 9.78 -32.21 15.23
N VAL A 159 8.92 -32.02 16.22
CA VAL A 159 7.48 -32.03 16.05
C VAL A 159 6.95 -30.60 16.14
N LEU A 160 6.09 -30.24 15.19
CA LEU A 160 5.40 -28.95 15.20
C LEU A 160 3.90 -29.18 15.08
N ASN A 161 3.13 -28.46 15.89
CA ASN A 161 1.67 -28.58 15.90
C ASN A 161 1.04 -27.26 15.50
N SER A 162 -0.13 -27.35 14.86
CA SER A 162 -0.86 -26.16 14.43
C SER A 162 -2.35 -26.45 14.50
N TRP A 163 -3.07 -25.68 15.30
CA TRP A 163 -4.52 -25.83 15.46
C TRP A 163 -5.24 -24.70 14.75
N THR A 164 -6.42 -25.01 14.22
CA THR A 164 -7.24 -24.01 13.57
C THR A 164 -8.15 -23.32 14.59
N ASP A 165 -8.68 -22.17 14.20
CA ASP A 165 -9.72 -21.54 15.00
C ASP A 165 -10.99 -22.40 14.95
N GLN A 166 -11.90 -22.14 15.88
CA GLN A 166 -13.17 -22.83 15.86
C GLN A 166 -13.92 -22.49 14.57
N ASP A 167 -14.32 -23.51 13.84
CA ASP A 167 -14.91 -23.31 12.52
C ASP A 167 -16.21 -22.53 12.62
N SER A 168 -16.37 -21.55 11.72
CA SER A 168 -17.54 -20.68 11.73
C SER A 168 -18.78 -21.34 11.17
N LYS A 169 -18.68 -22.57 10.67
CA LYS A 169 -19.83 -23.27 10.10
C LYS A 169 -20.26 -24.49 10.91
N ASP A 170 -19.33 -25.32 11.36
CA ASP A 170 -19.68 -26.53 12.12
C ASP A 170 -19.09 -26.55 13.52
N SER A 171 -18.39 -25.49 13.95
CA SER A 171 -17.89 -25.35 15.32
C SER A 171 -16.87 -26.44 15.69
N THR A 172 -16.15 -26.96 14.70
CA THR A 172 -15.15 -27.99 14.94
C THR A 172 -13.75 -27.39 14.89
N TYR A 173 -12.76 -28.23 15.17
CA TYR A 173 -11.35 -27.85 15.11
C TYR A 173 -10.61 -28.82 14.20
N SER A 174 -9.49 -28.36 13.67
CA SER A 174 -8.59 -29.18 12.88
C SER A 174 -7.16 -28.94 13.34
N MET A 175 -6.33 -29.98 13.26
CA MET A 175 -4.98 -29.92 13.77
C MET A 175 -4.01 -30.61 12.83
N SER A 176 -2.88 -29.97 12.59
CA SER A 176 -1.80 -30.52 11.77
C SER A 176 -0.58 -30.75 12.66
N SER A 177 0.14 -31.84 12.39
CA SER A 177 1.36 -32.16 13.13
C SER A 177 2.41 -32.64 12.15
N THR A 178 3.57 -31.98 12.16
CA THR A 178 4.65 -32.28 11.22
C THR A 178 5.89 -32.71 12.00
N LEU A 179 6.41 -33.88 11.67
CA LEU A 179 7.63 -34.42 12.26
C LEU A 179 8.73 -34.36 11.22
N THR A 180 9.81 -33.65 11.54
CA THR A 180 10.89 -33.42 10.59
C THR A 180 12.08 -34.31 10.94
N LEU A 181 12.56 -35.05 9.95
CA LEU A 181 13.73 -35.91 10.07
C LEU A 181 14.70 -35.59 8.93
N THR A 182 15.92 -36.08 9.07
CA THR A 182 16.82 -36.10 7.93
C THR A 182 16.55 -37.35 7.10
N LYS A 183 16.95 -37.29 5.82
CA LYS A 183 16.79 -38.46 4.95
C LYS A 183 17.49 -39.67 5.53
N ASP A 184 18.73 -39.48 6.01
CA ASP A 184 19.48 -40.58 6.62
C ASP A 184 18.73 -41.18 7.80
N GLU A 185 18.13 -40.34 8.65
CA GLU A 185 17.39 -40.84 9.80
CA GLU A 185 17.39 -40.85 9.79
C GLU A 185 16.07 -41.47 9.37
N TYR A 186 15.36 -40.85 8.44
CA TYR A 186 14.09 -41.39 7.98
C TYR A 186 14.26 -42.78 7.38
N GLU A 187 15.36 -43.00 6.66
CA GLU A 187 15.55 -44.29 6.00
C GLU A 187 16.11 -45.37 6.92
N ARG A 188 16.28 -45.08 8.21
CA ARG A 188 16.71 -46.09 9.17
C ARG A 188 15.58 -46.96 9.67
N HIS A 189 14.33 -46.62 9.37
CA HIS A 189 13.17 -47.22 10.03
C HIS A 189 12.12 -47.59 9.00
N ASN A 190 11.11 -48.34 9.45
CA ASN A 190 10.10 -48.89 8.57
C ASN A 190 8.68 -48.42 8.91
N SER A 191 8.26 -48.55 10.16
CA SER A 191 6.89 -48.26 10.56
C SER A 191 6.80 -46.85 11.13
N TYR A 192 5.92 -46.02 10.58
CA TYR A 192 5.69 -44.67 11.07
C TYR A 192 4.22 -44.53 11.46
N THR A 193 3.97 -44.03 12.66
CA THR A 193 2.62 -44.03 13.23
C THR A 193 2.37 -42.73 13.96
N CYS A 194 1.16 -42.18 13.81
CA CYS A 194 0.66 -41.16 14.71
C CYS A 194 -0.60 -41.67 15.40
N GLU A 195 -0.61 -41.53 16.72
CA GLU A 195 -1.74 -41.88 17.57
C GLU A 195 -2.42 -40.60 18.03
N ALA A 196 -3.75 -40.54 17.91
CA ALA A 196 -4.54 -39.39 18.30
C ALA A 196 -5.44 -39.80 19.45
N THR A 197 -5.21 -39.22 20.62
CA THR A 197 -6.03 -39.43 21.80
C THR A 197 -7.05 -38.31 21.91
N HIS A 198 -8.33 -38.68 21.94
CA HIS A 198 -9.42 -37.70 22.00
C HIS A 198 -10.53 -38.26 22.86
N LYS A 199 -11.40 -37.36 23.32
CA LYS A 199 -12.48 -37.73 24.24
C LYS A 199 -13.44 -38.74 23.62
N THR A 200 -13.54 -38.77 22.29
CA THR A 200 -14.55 -39.58 21.61
C THR A 200 -14.17 -41.05 21.48
N SER A 201 -13.03 -41.48 22.00
CA SER A 201 -12.63 -42.88 21.88
C SER A 201 -11.72 -43.25 23.04
N THR A 202 -12.00 -44.41 23.65
CA THR A 202 -11.15 -44.91 24.73
C THR A 202 -9.75 -45.24 24.22
N SER A 203 -9.67 -46.00 23.14
CA SER A 203 -8.39 -46.28 22.52
C SER A 203 -8.02 -45.17 21.54
N PRO A 204 -6.73 -44.84 21.41
CA PRO A 204 -6.33 -43.79 20.48
C PRO A 204 -6.51 -44.22 19.04
N ILE A 205 -6.90 -43.27 18.19
CA ILE A 205 -7.03 -43.52 16.76
C ILE A 205 -5.63 -43.56 16.15
N VAL A 206 -5.28 -44.69 15.53
CA VAL A 206 -3.92 -44.96 15.09
C VAL A 206 -3.87 -44.95 13.57
N LYS A 207 -2.94 -44.18 13.01
CA LYS A 207 -2.71 -44.21 11.57
C LYS A 207 -1.22 -44.41 11.30
N SER A 208 -0.91 -45.30 10.36
CA SER A 208 0.47 -45.72 10.14
C SER A 208 0.75 -45.87 8.65
N PHE A 209 2.04 -45.99 8.34
CA PHE A 209 2.48 -46.38 7.01
C PHE A 209 3.82 -47.09 7.11
N ASN A 210 4.10 -47.93 6.13
CA ASN A 210 5.38 -48.61 5.98
C ASN A 210 6.23 -47.87 4.96
N ARG A 211 7.51 -47.67 5.30
CA ARG A 211 8.42 -47.04 4.36
C ARG A 211 8.67 -47.90 3.13
N ASN A 212 8.49 -49.22 3.24
CA ASN A 212 8.67 -50.11 2.11
C ASN A 212 7.56 -49.87 1.08
N GLU A 213 7.97 -49.79 -0.19
CA GLU A 213 7.02 -49.56 -1.28
C GLU A 213 6.02 -50.70 -1.40
N ASP B 1 -19.28 8.75 12.62
CA ASP B 1 -18.53 7.54 12.30
C ASP B 1 -17.06 7.85 12.03
N VAL B 2 -16.20 6.92 12.43
CA VAL B 2 -14.76 7.06 12.24
C VAL B 2 -14.18 5.70 11.90
N GLN B 3 -13.23 5.68 10.95
CA GLN B 3 -12.56 4.46 10.52
C GLN B 3 -11.06 4.65 10.66
N LEU B 4 -10.40 3.69 11.30
CA LEU B 4 -8.95 3.69 11.45
C LEU B 4 -8.38 2.48 10.73
N GLN B 5 -7.36 2.72 9.90
CA GLN B 5 -6.75 1.65 9.11
C GLN B 5 -5.24 1.69 9.30
N GLU B 6 -4.65 0.58 9.71
CA GLU B 6 -3.21 0.49 9.88
C GLU B 6 -2.52 0.10 8.58
N SER B 7 -1.26 0.49 8.46
CA SER B 7 -0.45 0.18 7.28
C SER B 7 0.99 0.07 7.75
N GLY B 8 1.60 -1.10 7.56
CA GLY B 8 2.94 -1.33 8.02
C GLY B 8 3.85 -1.95 6.97
N PRO B 9 5.07 -2.30 7.37
CA PRO B 9 6.00 -2.96 6.45
C PRO B 9 5.85 -4.46 6.37
N GLY B 10 5.13 -5.08 7.31
CA GLY B 10 5.02 -6.53 7.36
C GLY B 10 6.15 -7.19 8.12
N PHE B 11 7.40 -6.89 7.76
CA PHE B 11 8.54 -7.45 8.43
C PHE B 11 9.66 -6.41 8.44
N VAL B 12 10.52 -6.49 9.45
CA VAL B 12 11.61 -5.54 9.62
C VAL B 12 12.79 -6.26 10.25
N THR B 13 14.00 -5.87 9.83
CA THR B 13 15.24 -6.42 10.35
C THR B 13 15.58 -5.80 11.70
N PRO B 14 16.09 -6.58 12.66
CA PRO B 14 16.52 -5.99 13.93
C PRO B 14 17.55 -4.89 13.74
N SER B 15 17.58 -3.96 14.70
CA SER B 15 18.40 -2.75 14.75
C SER B 15 17.92 -1.68 13.77
N GLN B 16 16.90 -1.95 12.97
CA GLN B 16 16.39 -0.98 12.02
C GLN B 16 15.23 -0.19 12.64
N SER B 17 14.67 0.71 11.85
CA SER B 17 13.56 1.55 12.29
C SER B 17 12.23 0.97 11.82
N LEU B 18 11.26 0.91 12.72
CA LEU B 18 9.91 0.47 12.40
C LEU B 18 9.02 1.69 12.25
N SER B 19 8.21 1.71 11.20
CA SER B 19 7.31 2.83 10.93
C SER B 19 5.94 2.29 10.54
N VAL B 20 4.91 2.71 11.27
CA VAL B 20 3.54 2.28 11.02
C VAL B 20 2.66 3.50 10.85
N THR B 21 1.77 3.45 9.86
CA THR B 21 0.87 4.56 9.55
C THR B 21 -0.56 4.17 9.92
N CYS B 22 -1.32 5.15 10.41
CA CYS B 22 -2.75 4.98 10.65
C CYS B 22 -3.48 6.04 9.85
N SER B 23 -4.29 5.60 8.89
CA SER B 23 -5.14 6.48 8.11
C SER B 23 -6.51 6.56 8.76
N VAL B 24 -7.02 7.78 8.86
CA VAL B 24 -8.27 8.08 9.57
C VAL B 24 -9.28 8.60 8.56
N THR B 25 -10.51 8.10 8.63
CA THR B 25 -11.60 8.51 7.76
C THR B 25 -12.80 8.92 8.62
N GLY B 26 -13.42 10.04 8.27
CA GLY B 26 -14.61 10.48 8.94
C GLY B 26 -14.39 11.64 9.90
N TYR B 27 -13.26 11.64 10.59
CA TYR B 27 -12.95 12.68 11.57
C TYR B 27 -11.59 13.28 11.29
N SER B 28 -11.42 14.52 11.75
CA SER B 28 -10.17 15.25 11.63
C SER B 28 -9.24 14.90 12.80
N LEU B 29 -7.94 14.92 12.52
CA LEU B 29 -6.95 14.71 13.57
C LEU B 29 -6.81 15.91 14.49
N THR B 30 -7.50 17.01 14.20
CA THR B 30 -7.48 18.20 15.02
C THR B 30 -8.83 18.52 15.65
N ALA B 31 -9.83 17.65 15.46
CA ALA B 31 -11.14 17.86 16.07
C ALA B 31 -11.02 17.85 17.59
N SER B 32 -11.81 18.70 18.24
CA SER B 32 -11.59 19.02 19.64
C SER B 32 -11.68 17.79 20.55
N SER B 33 -10.61 17.57 21.30
CA SER B 33 -10.54 16.67 22.46
C SER B 33 -10.36 15.19 22.09
N TYR B 34 -10.00 14.87 20.86
CA TYR B 34 -9.74 13.49 20.49
C TYR B 34 -8.25 13.17 20.58
N PHE B 35 -7.95 11.94 20.99
CA PHE B 35 -6.59 11.48 21.17
C PHE B 35 -6.39 10.19 20.39
N TRP B 36 -5.25 10.10 19.69
CA TRP B 36 -4.98 9.01 18.77
C TRP B 36 -3.78 8.22 19.28
N ASN B 37 -4.01 6.94 19.58
CA ASN B 37 -3.07 6.10 20.28
C ASN B 37 -2.50 5.01 19.36
N TRP B 38 -1.29 4.59 19.70
CA TRP B 38 -0.71 3.34 19.21
C TRP B 38 -0.66 2.36 20.37
N ILE B 39 -1.17 1.15 20.11
CA ILE B 39 -1.20 0.03 21.05
C ILE B 39 -0.70 -1.19 20.28
N ARG B 40 -0.23 -2.21 21.00
CA ARG B 40 0.25 -3.39 20.32
C ARG B 40 0.02 -4.63 21.16
N LYS B 41 -0.23 -5.75 20.49
CA LYS B 41 -0.44 -7.05 21.12
C LYS B 41 0.72 -7.97 20.80
N PHE B 42 1.32 -8.54 21.82
CA PHE B 42 2.39 -9.52 21.68
C PHE B 42 1.79 -10.91 21.49
N PRO B 43 2.57 -11.86 20.94
CA PRO B 43 2.00 -13.17 20.60
C PRO B 43 1.25 -13.87 21.73
N GLY B 44 1.62 -13.61 22.99
CA GLY B 44 0.95 -14.24 24.11
C GLY B 44 -0.31 -13.54 24.57
N ASN B 45 -0.94 -12.78 23.67
CA ASN B 45 -2.15 -11.99 23.89
C ASN B 45 -1.99 -10.85 24.88
N LYS B 46 -0.76 -10.43 25.18
CA LYS B 46 -0.56 -9.28 26.05
C LYS B 46 -0.66 -7.99 25.25
N LEU B 47 -1.54 -7.09 25.68
CA LEU B 47 -1.68 -5.78 25.07
C LEU B 47 -0.80 -4.78 25.80
N GLU B 48 -0.17 -3.89 25.04
CA GLU B 48 0.67 -2.83 25.59
C GLU B 48 0.28 -1.51 24.95
N TRP B 49 -0.23 -0.59 25.76
CA TRP B 49 -0.48 0.76 25.27
C TRP B 49 0.85 1.47 25.08
N MET B 50 1.12 1.88 23.83
CA MET B 50 2.40 2.49 23.53
C MET B 50 2.39 3.99 23.76
N GLY B 51 1.43 4.70 23.17
CA GLY B 51 1.39 6.13 23.39
C GLY B 51 0.29 6.78 22.59
N TYR B 52 0.28 8.12 22.61
CA TYR B 52 -0.72 8.86 21.85
C TYR B 52 -0.18 10.22 21.44
N ILE B 53 -0.79 10.75 20.38
CA ILE B 53 -0.70 12.14 20.00
C ILE B 53 -2.10 12.75 20.09
N GLY B 54 -2.17 13.99 20.56
CA GLY B 54 -3.46 14.62 20.80
C GLY B 54 -3.93 15.47 19.65
N TYR B 55 -5.22 15.83 19.71
CA TYR B 55 -5.80 16.76 18.74
C TYR B 55 -5.05 18.08 18.71
N ASP B 56 -4.47 18.49 19.85
CA ASP B 56 -3.74 19.74 19.96
C ASP B 56 -2.27 19.60 19.57
N GLY B 57 -1.83 18.40 19.17
CA GLY B 57 -0.45 18.17 18.83
C GLY B 57 0.40 17.61 19.95
N SER B 58 -0.09 17.61 21.18
CA SER B 58 0.68 17.09 22.30
C SER B 58 0.84 15.57 22.18
N VAL B 59 1.92 15.06 22.75
CA VAL B 59 2.22 13.64 22.70
C VAL B 59 2.51 13.14 24.12
N TYR B 60 2.23 11.87 24.36
CA TYR B 60 2.63 11.23 25.60
C TYR B 60 2.87 9.76 25.36
N TYR B 61 3.97 9.25 25.91
CA TYR B 61 4.45 7.91 25.64
C TYR B 61 4.50 7.07 26.91
N ASN B 62 4.38 5.77 26.75
CA ASN B 62 4.61 4.84 27.84
C ASN B 62 6.06 4.97 28.30
N PRO B 63 6.31 5.21 29.59
CA PRO B 63 7.69 5.40 30.05
C PRO B 63 8.62 4.24 29.71
N SER B 64 8.10 3.02 29.61
CA SER B 64 8.94 1.89 29.23
C SER B 64 9.40 1.98 27.78
N LEU B 65 8.75 2.79 26.96
CA LEU B 65 9.12 2.97 25.56
C LEU B 65 9.72 4.35 25.28
N LYS B 66 9.87 5.20 26.29
CA LYS B 66 10.41 6.53 26.07
C LYS B 66 11.85 6.44 25.58
N SER B 67 12.25 7.44 24.79
CA SER B 67 13.52 7.59 24.09
C SER B 67 13.58 6.68 22.85
N ARG B 68 12.64 5.76 22.67
CA ARG B 68 12.63 4.88 21.50
C ARG B 68 11.53 5.21 20.51
N ILE B 69 10.36 5.64 20.98
CA ILE B 69 9.22 5.84 20.09
C ILE B 69 9.03 7.32 19.81
N SER B 70 8.37 7.61 18.69
CA SER B 70 8.00 8.95 18.28
C SER B 70 6.70 8.88 17.51
N ILE B 71 5.72 9.67 17.92
CA ILE B 71 4.42 9.70 17.25
C ILE B 71 4.27 11.07 16.60
N THR B 72 4.00 11.07 15.29
CA THR B 72 3.84 12.30 14.51
C THR B 72 2.52 12.22 13.76
N ARG B 73 2.21 13.28 13.01
CA ARG B 73 0.95 13.32 12.28
C ARG B 73 1.06 14.23 11.05
N ASP B 74 0.29 13.88 10.03
CA ASP B 74 0.02 14.75 8.89
C ASP B 74 -1.49 14.97 8.86
N THR B 75 -1.92 16.20 9.16
CA THR B 75 -3.34 16.49 9.29
C THR B 75 -4.03 16.70 7.95
N SER B 76 -3.27 17.08 6.91
CA SER B 76 -3.90 17.21 5.59
C SER B 76 -4.17 15.83 5.00
N LYS B 77 -3.25 14.89 5.19
CA LYS B 77 -3.50 13.50 4.81
C LYS B 77 -4.39 12.76 5.80
N ARG B 78 -4.61 13.33 6.98
CA ARG B 78 -5.36 12.68 8.06
C ARG B 78 -4.75 11.34 8.44
N GLN B 79 -3.43 11.34 8.62
CA GLN B 79 -2.70 10.14 9.02
C GLN B 79 -1.85 10.48 10.23
N PHE B 80 -1.61 9.48 11.08
CA PHE B 80 -0.63 9.64 12.14
C PHE B 80 0.26 8.42 12.22
N PHE B 81 1.53 8.65 12.58
CA PHE B 81 2.61 7.70 12.36
C PHE B 81 3.30 7.37 13.67
N LEU B 82 3.63 6.10 13.85
CA LEU B 82 4.46 5.59 14.93
C LEU B 82 5.82 5.20 14.37
N GLN B 83 6.87 5.67 15.02
CA GLN B 83 8.23 5.28 14.69
C GLN B 83 8.88 4.69 15.94
N LEU B 84 9.45 3.51 15.80
CA LEU B 84 10.12 2.79 16.88
C LEU B 84 11.55 2.50 16.44
N LYS B 85 12.52 3.01 17.18
CA LYS B 85 13.92 2.93 16.78
C LYS B 85 14.59 1.72 17.42
N THR B 86 15.51 1.11 16.66
CA THR B 86 16.30 -0.03 17.11
C THR B 86 15.40 -1.18 17.59
N VAL B 87 14.73 -1.78 16.62
CA VAL B 87 13.80 -2.86 16.90
C VAL B 87 14.57 -4.14 17.20
N THR B 88 14.00 -4.96 18.09
CA THR B 88 14.53 -6.28 18.40
C THR B 88 13.41 -7.29 18.23
N ASN B 89 13.74 -8.57 18.40
CA ASN B 89 12.73 -9.62 18.27
C ASN B 89 11.59 -9.44 19.26
N ASP B 90 11.82 -8.76 20.37
CA ASP B 90 10.76 -8.48 21.34
C ASP B 90 9.82 -7.38 20.89
N ASP B 91 10.07 -6.77 19.74
CA ASP B 91 9.15 -5.79 19.16
C ASP B 91 8.20 -6.42 18.14
N THR B 92 8.32 -7.73 17.88
CA THR B 92 7.38 -8.42 17.00
C THR B 92 6.00 -8.42 17.61
N ALA B 93 5.03 -7.85 16.91
CA ALA B 93 3.71 -7.68 17.51
C ALA B 93 2.69 -7.31 16.44
N LEU B 94 1.42 -7.31 16.85
CA LEU B 94 0.32 -6.82 16.04
C LEU B 94 0.00 -5.40 16.52
N TYR B 95 0.21 -4.43 15.63
CA TYR B 95 0.12 -3.01 15.99
C TYR B 95 -1.25 -2.48 15.59
N TYR B 96 -1.97 -1.93 16.56
CA TYR B 96 -3.23 -1.23 16.34
C TYR B 96 -3.06 0.26 16.58
N CYS B 97 -3.83 1.05 15.85
CA CYS B 97 -4.10 2.43 16.21
C CYS B 97 -5.53 2.55 16.72
N ALA B 98 -5.71 3.40 17.73
CA ALA B 98 -7.01 3.55 18.38
C ALA B 98 -7.31 5.02 18.58
N ARG B 99 -8.58 5.30 18.87
CA ARG B 99 -9.01 6.66 19.20
C ARG B 99 -9.76 6.62 20.51
N HIS B 100 -9.34 7.48 21.45
CA HIS B 100 -10.10 7.73 22.66
C HIS B 100 -10.36 9.23 22.77
N GLY B 101 -11.23 9.60 23.71
CA GLY B 101 -11.58 10.99 23.91
C GLY B 101 -13.04 11.32 23.67
N TYR B 102 -13.84 10.39 23.14
CA TYR B 102 -15.28 10.62 23.10
C TYR B 102 -15.87 10.59 24.50
N TYR B 103 -15.55 9.54 25.26
CA TYR B 103 -15.88 9.48 26.67
C TYR B 103 -14.80 10.16 27.49
N SER B 104 -15.08 10.36 28.78
CA SER B 104 -14.29 11.28 29.58
C SER B 104 -13.10 10.64 30.28
N SER B 105 -13.04 9.32 30.36
CA SER B 105 -12.11 8.66 31.28
C SER B 105 -11.23 7.65 30.55
N ARG B 106 -10.53 8.11 29.50
CA ARG B 106 -9.38 7.42 28.93
C ARG B 106 -9.74 6.02 28.43
N VAL B 107 -10.72 5.96 27.54
CA VAL B 107 -11.25 4.68 27.05
C VAL B 107 -11.29 4.71 25.53
N MET B 108 -10.75 3.67 24.90
CA MET B 108 -10.66 3.61 23.45
C MET B 108 -12.05 3.43 22.85
N ASP B 109 -12.53 4.44 22.12
CA ASP B 109 -13.83 4.40 21.48
C ASP B 109 -13.76 4.01 20.01
N ALA B 110 -12.56 3.83 19.46
CA ALA B 110 -12.43 3.34 18.09
C ALA B 110 -11.15 2.53 17.97
N TRP B 111 -11.21 1.44 17.20
CA TRP B 111 -10.06 0.56 16.98
C TRP B 111 -9.88 0.30 15.50
N GLY B 112 -8.62 0.16 15.08
CA GLY B 112 -8.32 -0.37 13.79
C GLY B 112 -8.14 -1.89 13.83
N GLN B 113 -8.11 -2.50 12.64
CA GLN B 113 -7.97 -3.94 12.57
C GLN B 113 -6.60 -4.40 13.07
N GLY B 114 -5.56 -3.65 12.76
CA GLY B 114 -4.22 -3.99 13.19
C GLY B 114 -3.39 -4.54 12.05
N THR B 115 -2.08 -4.29 12.11
CA THR B 115 -1.13 -4.77 11.12
C THR B 115 -0.03 -5.57 11.82
N SER B 116 0.33 -6.71 11.23
CA SER B 116 1.31 -7.59 11.85
C SER B 116 2.72 -7.15 11.46
N VAL B 117 3.63 -7.17 12.44
CA VAL B 117 5.03 -6.79 12.23
C VAL B 117 5.90 -7.87 12.85
N THR B 118 6.67 -8.57 12.02
CA THR B 118 7.61 -9.57 12.47
C THR B 118 9.01 -8.98 12.41
N VAL B 119 9.67 -8.88 13.57
CA VAL B 119 11.05 -8.44 13.63
C VAL B 119 11.92 -9.69 13.59
N SER B 120 12.52 -9.95 12.44
CA SER B 120 13.31 -11.17 12.25
C SER B 120 14.47 -10.88 11.33
N SER B 121 15.64 -11.42 11.68
CA SER B 121 16.84 -11.29 10.86
C SER B 121 16.82 -12.35 9.75
N ALA B 122 15.79 -12.28 8.92
CA ALA B 122 15.59 -13.23 7.84
C ALA B 122 15.14 -12.47 6.59
N LYS B 123 15.39 -13.08 5.44
CA LYS B 123 15.09 -12.45 4.15
C LYS B 123 13.93 -13.16 3.46
N THR B 124 13.48 -12.56 2.36
CA THR B 124 12.39 -13.12 1.59
C THR B 124 12.79 -14.47 0.99
N THR B 125 11.93 -15.47 1.18
CA THR B 125 12.20 -16.81 0.70
C THR B 125 10.95 -17.40 0.05
N ALA B 126 11.11 -17.91 -1.17
CA ALA B 126 10.02 -18.62 -1.82
C ALA B 126 9.88 -20.02 -1.23
N PRO B 127 8.66 -20.54 -1.14
CA PRO B 127 8.46 -21.82 -0.46
C PRO B 127 8.75 -23.02 -1.35
N SER B 128 9.11 -24.11 -0.70
CA SER B 128 9.16 -25.42 -1.34
C SER B 128 7.83 -26.12 -1.12
N VAL B 129 7.23 -26.61 -2.19
CA VAL B 129 5.89 -27.20 -2.14
C VAL B 129 6.00 -28.69 -2.41
N TYR B 130 5.63 -29.49 -1.42
CA TYR B 130 5.68 -30.94 -1.53
C TYR B 130 4.28 -31.53 -1.48
N PRO B 131 4.06 -32.65 -2.18
CA PRO B 131 2.73 -33.28 -2.15
C PRO B 131 2.54 -34.16 -0.94
N LEU B 132 1.27 -34.29 -0.53
CA LEU B 132 0.86 -35.13 0.58
C LEU B 132 -0.14 -36.15 0.04
N ALA B 133 0.34 -37.38 -0.17
CA ALA B 133 -0.46 -38.49 -0.68
C ALA B 133 -0.33 -39.68 0.25
N PRO B 134 -1.38 -40.50 0.34
CA PRO B 134 -1.35 -41.64 1.28
C PRO B 134 -0.23 -42.62 0.95
N GLY B 135 0.23 -43.32 1.99
CA GLY B 135 1.26 -44.33 1.83
C GLY B 135 0.72 -45.73 1.72
N SER B 136 -0.55 -45.85 1.31
CA SER B 136 -1.18 -47.16 1.15
C SER B 136 -2.24 -47.05 0.07
N GLY B 137 -2.71 -48.21 -0.39
CA GLY B 137 -3.75 -48.24 -1.40
C GLY B 137 -5.10 -47.82 -0.83
N ASP B 138 -5.95 -47.28 -1.70
CA ASP B 138 -7.27 -46.81 -1.31
C ASP B 138 -8.34 -47.82 -1.70
N THR B 139 -9.31 -48.00 -0.82
CA THR B 139 -10.50 -48.77 -1.16
C THR B 139 -11.33 -48.01 -2.20
N THR B 140 -11.92 -48.75 -3.13
CA THR B 140 -12.70 -48.13 -4.20
C THR B 140 -13.86 -47.32 -3.63
N ASN B 141 -14.06 -46.12 -4.21
CA ASN B 141 -15.19 -45.26 -3.88
C ASN B 141 -15.14 -44.79 -2.43
N SER B 142 -13.96 -44.75 -1.82
CA SER B 142 -13.79 -44.19 -0.50
C SER B 142 -13.53 -42.69 -0.63
N MET B 143 -13.29 -42.03 0.50
CA MET B 143 -12.88 -40.64 0.52
C MET B 143 -11.40 -40.57 0.85
N VAL B 144 -10.69 -39.68 0.16
CA VAL B 144 -9.24 -39.53 0.32
C VAL B 144 -8.93 -38.08 0.64
N THR B 145 -8.07 -37.88 1.63
CA THR B 145 -7.57 -36.55 1.98
C THR B 145 -6.18 -36.38 1.39
N LEU B 146 -6.04 -35.46 0.45
CA LEU B 146 -4.77 -35.13 -0.16
C LEU B 146 -4.32 -33.76 0.36
N GLY B 147 -3.04 -33.45 0.17
CA GLY B 147 -2.58 -32.19 0.71
C GLY B 147 -1.34 -31.65 0.05
N CYS B 148 -0.95 -30.47 0.53
CA CYS B 148 0.27 -29.79 0.09
C CYS B 148 1.00 -29.23 1.31
N LEU B 149 2.31 -29.46 1.34
CA LEU B 149 3.17 -28.93 2.40
C LEU B 149 3.96 -27.77 1.81
N VAL B 150 3.68 -26.56 2.29
CA VAL B 150 4.33 -25.34 1.85
C VAL B 150 5.36 -24.99 2.92
N LYS B 151 6.63 -25.30 2.66
CA LYS B 151 7.66 -25.32 3.68
C LYS B 151 8.76 -24.31 3.36
N GLY B 152 9.28 -23.67 4.42
CA GLY B 152 10.45 -22.82 4.27
C GLY B 152 10.21 -21.57 3.45
N TYR B 153 9.31 -20.71 3.90
CA TYR B 153 9.06 -19.45 3.22
C TYR B 153 9.04 -18.31 4.23
N PHE B 154 9.24 -17.10 3.71
CA PHE B 154 9.22 -15.88 4.51
C PHE B 154 9.06 -14.71 3.56
N PRO B 155 8.23 -13.72 3.88
CA PRO B 155 7.37 -13.68 5.07
C PRO B 155 5.96 -14.20 4.79
N GLU B 156 5.08 -14.04 5.77
CA GLU B 156 3.66 -14.25 5.54
C GLU B 156 3.13 -13.17 4.59
N PRO B 157 2.02 -13.44 3.89
CA PRO B 157 1.24 -14.67 3.88
C PRO B 157 1.52 -15.55 2.66
N VAL B 158 0.80 -16.66 2.57
CA VAL B 158 0.81 -17.52 1.39
C VAL B 158 -0.62 -17.94 1.12
N THR B 159 -0.98 -18.04 -0.16
CA THR B 159 -2.34 -18.37 -0.58
C THR B 159 -2.34 -19.74 -1.25
N VAL B 160 -3.17 -20.65 -0.75
CA VAL B 160 -3.25 -22.00 -1.28
C VAL B 160 -4.68 -22.26 -1.73
N THR B 161 -4.84 -22.57 -3.01
CA THR B 161 -6.12 -23.01 -3.56
C THR B 161 -5.97 -24.42 -4.13
N TRP B 162 -7.09 -25.01 -4.53
CA TRP B 162 -7.10 -26.37 -5.06
C TRP B 162 -7.86 -26.38 -6.39
N ASN B 163 -7.18 -26.77 -7.45
CA ASN B 163 -7.73 -26.75 -8.80
C ASN B 163 -8.28 -25.36 -9.15
N SER B 164 -7.51 -24.33 -8.78
CA SER B 164 -7.84 -22.94 -9.06
C SER B 164 -9.18 -22.53 -8.44
N GLY B 165 -9.52 -23.09 -7.28
CA GLY B 165 -10.76 -22.77 -6.60
C GLY B 165 -11.91 -23.69 -6.91
N SER B 166 -11.76 -24.62 -7.87
CA SER B 166 -12.83 -25.56 -8.17
C SER B 166 -13.15 -26.44 -6.98
N LEU B 167 -12.12 -26.91 -6.27
CA LEU B 167 -12.29 -27.67 -5.04
C LEU B 167 -12.40 -26.69 -3.88
N SER B 168 -13.60 -26.15 -3.70
CA SER B 168 -13.82 -25.17 -2.64
C SER B 168 -14.10 -25.84 -1.30
N SER B 169 -15.03 -26.80 -1.28
CA SER B 169 -15.40 -27.45 -0.04
C SER B 169 -14.40 -28.55 0.33
N GLY B 170 -14.44 -28.95 1.60
CA GLY B 170 -13.55 -29.99 2.08
C GLY B 170 -12.10 -29.57 2.21
N VAL B 171 -11.84 -28.29 2.37
CA VAL B 171 -10.49 -27.73 2.40
C VAL B 171 -10.17 -27.28 3.82
N HIS B 172 -8.99 -27.64 4.30
CA HIS B 172 -8.47 -27.18 5.58
C HIS B 172 -7.09 -26.59 5.36
N THR B 173 -6.93 -25.30 5.65
CA THR B 173 -5.64 -24.64 5.59
C THR B 173 -5.24 -24.25 7.01
N PHE B 174 -4.11 -24.77 7.47
CA PHE B 174 -3.72 -24.59 8.86
C PHE B 174 -2.82 -23.37 9.03
N PRO B 175 -2.87 -22.73 10.19
CA PRO B 175 -1.99 -21.57 10.43
C PRO B 175 -0.53 -21.97 10.37
N ALA B 176 0.28 -21.10 9.77
CA ALA B 176 1.70 -21.37 9.59
C ALA B 176 2.41 -21.39 10.94
N VAL B 177 3.42 -22.25 11.03
CA VAL B 177 4.28 -22.35 12.21
C VAL B 177 5.64 -21.81 11.83
N LEU B 178 6.19 -20.94 12.68
CA LEU B 178 7.47 -20.30 12.43
C LEU B 178 8.57 -21.08 13.15
N GLN B 179 9.42 -21.74 12.37
CA GLN B 179 10.58 -22.47 12.90
C GLN B 179 11.82 -21.93 12.21
N SER B 180 12.90 -21.77 12.98
CA SER B 180 14.09 -21.06 12.53
C SER B 180 13.61 -19.68 12.06
N GLY B 181 13.90 -19.27 10.84
CA GLY B 181 13.40 -18.01 10.34
C GLY B 181 12.39 -18.19 9.23
N LEU B 182 11.78 -19.38 9.17
CA LEU B 182 10.95 -19.75 8.04
C LEU B 182 9.59 -20.28 8.52
N TYR B 183 8.59 -20.12 7.66
CA TYR B 183 7.24 -20.58 7.95
C TYR B 183 6.98 -21.92 7.26
N THR B 184 6.20 -22.77 7.94
CA THR B 184 5.74 -24.03 7.38
C THR B 184 4.23 -24.12 7.54
N LEU B 185 3.54 -24.46 6.46
CA LEU B 185 2.09 -24.53 6.43
C LEU B 185 1.67 -25.80 5.71
N SER B 186 0.51 -26.33 6.07
CA SER B 186 -0.04 -27.50 5.42
C SER B 186 -1.48 -27.25 5.03
N SER B 187 -1.84 -27.64 3.81
CA SER B 187 -3.20 -27.53 3.31
C SER B 187 -3.70 -28.90 2.89
N SER B 188 -5.01 -29.11 3.01
CA SER B 188 -5.59 -30.40 2.68
C SER B 188 -6.95 -30.20 2.01
N VAL B 189 -7.27 -31.14 1.13
CA VAL B 189 -8.59 -31.20 0.47
C VAL B 189 -9.03 -32.65 0.47
N THR B 190 -10.32 -32.87 0.75
CA THR B 190 -10.89 -34.21 0.78
C THR B 190 -11.77 -34.40 -0.44
N VAL B 191 -11.44 -35.41 -1.26
CA VAL B 191 -12.16 -35.68 -2.49
C VAL B 191 -12.52 -37.16 -2.54
N PRO B 192 -13.50 -37.53 -3.35
CA PRO B 192 -13.75 -38.96 -3.57
C PRO B 192 -12.51 -39.64 -4.13
N SER B 193 -12.17 -40.80 -3.55
CA SER B 193 -11.01 -41.56 -4.04
C SER B 193 -11.23 -42.09 -5.44
N SER B 194 -12.41 -41.89 -6.03
CA SER B 194 -12.64 -42.16 -7.44
C SER B 194 -12.38 -40.95 -8.32
N THR B 195 -12.39 -39.74 -7.75
CA THR B 195 -12.09 -38.53 -8.51
C THR B 195 -10.59 -38.38 -8.72
N TRP B 196 -9.80 -38.71 -7.71
CA TRP B 196 -8.35 -38.57 -7.79
C TRP B 196 -7.72 -39.35 -8.94
N PRO B 197 -8.07 -40.63 -9.19
CA PRO B 197 -7.37 -41.37 -10.27
C PRO B 197 -7.79 -40.97 -11.67
N SER B 198 -8.95 -40.34 -11.85
CA SER B 198 -9.41 -39.97 -13.18
C SER B 198 -9.33 -38.47 -13.46
N GLU B 199 -9.14 -37.64 -12.44
CA GLU B 199 -9.09 -36.20 -12.61
C GLU B 199 -7.86 -35.64 -11.92
N THR B 200 -7.57 -34.38 -12.20
CA THR B 200 -6.39 -33.70 -11.67
C THR B 200 -6.71 -33.04 -10.33
N VAL B 201 -5.88 -33.32 -9.33
CA VAL B 201 -5.98 -32.70 -8.01
C VAL B 201 -4.67 -31.95 -7.80
N THR B 202 -4.70 -30.63 -7.99
CA THR B 202 -3.50 -29.81 -7.93
C THR B 202 -3.72 -28.65 -6.96
N CYS B 203 -2.72 -28.38 -6.13
CA CYS B 203 -2.74 -27.23 -5.25
C CYS B 203 -1.94 -26.09 -5.88
N ASN B 204 -2.51 -24.89 -5.84
CA ASN B 204 -1.88 -23.68 -6.34
C ASN B 204 -1.39 -22.88 -5.15
N VAL B 205 -0.08 -22.66 -5.06
CA VAL B 205 0.54 -21.96 -3.96
C VAL B 205 1.11 -20.66 -4.49
N ALA B 206 0.69 -19.54 -3.89
CA ALA B 206 1.10 -18.21 -4.31
C ALA B 206 1.74 -17.49 -3.13
N HIS B 207 2.98 -17.05 -3.32
CA HIS B 207 3.73 -16.26 -2.34
C HIS B 207 4.10 -14.95 -3.00
N PRO B 208 3.32 -13.88 -2.80
CA PRO B 208 3.57 -12.64 -3.56
C PRO B 208 4.82 -11.90 -3.14
N ALA B 209 5.33 -12.13 -1.93
CA ALA B 209 6.55 -11.45 -1.50
C ALA B 209 7.75 -11.84 -2.37
N SER B 210 7.73 -13.05 -2.90
CA SER B 210 8.74 -13.50 -3.86
C SER B 210 8.17 -13.60 -5.27
N SER B 211 6.92 -13.18 -5.48
CA SER B 211 6.25 -13.26 -6.77
C SER B 211 6.25 -14.69 -7.30
N THR B 212 6.04 -15.64 -6.39
CA THR B 212 6.07 -17.06 -6.72
C THR B 212 4.66 -17.59 -6.89
N LYS B 213 4.43 -18.34 -7.96
CA LYS B 213 3.16 -19.03 -8.19
C LYS B 213 3.47 -20.41 -8.72
N VAL B 214 3.20 -21.45 -7.93
CA VAL B 214 3.55 -22.81 -8.30
C VAL B 214 2.31 -23.69 -8.23
N ASP B 215 2.28 -24.70 -9.10
CA ASP B 215 1.23 -25.71 -9.12
C ASP B 215 1.85 -27.06 -8.77
N LYS B 216 1.21 -27.78 -7.86
CA LYS B 216 1.68 -29.10 -7.45
C LYS B 216 0.54 -30.09 -7.63
N LYS B 217 0.70 -31.00 -8.58
CA LYS B 217 -0.29 -32.06 -8.80
C LYS B 217 -0.01 -33.21 -7.85
N ILE B 218 -1.04 -33.69 -7.17
CA ILE B 218 -0.89 -34.79 -6.22
C ILE B 218 -0.98 -36.10 -7.00
N VAL B 219 0.17 -36.77 -7.14
CA VAL B 219 0.27 -38.01 -7.91
C VAL B 219 0.31 -39.19 -6.95
N PRO B 220 -0.43 -40.27 -7.22
CA PRO B 220 -0.39 -41.44 -6.32
C PRO B 220 1.01 -42.04 -6.25
N ARG B 221 1.33 -42.59 -5.08
CA ARG B 221 2.60 -43.23 -4.84
C ARG B 221 2.59 -44.68 -5.32
N GLY B 222 3.78 -45.24 -5.47
CA GLY B 222 3.91 -46.62 -5.92
C GLY B 222 4.75 -47.47 -4.97
N VAL C 2 11.52 31.08 -22.89
CA VAL C 2 11.83 30.38 -24.14
C VAL C 2 11.03 29.10 -24.26
N GLN C 3 10.40 28.91 -25.42
CA GLN C 3 9.61 27.71 -25.67
C GLN C 3 9.62 27.39 -27.15
N LEU C 4 9.95 26.14 -27.49
CA LEU C 4 9.92 25.65 -28.86
C LEU C 4 8.73 24.69 -28.97
N GLN C 5 7.65 25.17 -29.59
CA GLN C 5 6.40 24.42 -29.65
C GLN C 5 6.39 23.52 -30.89
N GLN C 6 6.28 22.21 -30.66
CA GLN C 6 6.14 21.23 -31.72
C GLN C 6 4.83 20.48 -31.56
N PRO C 7 4.23 20.00 -32.66
CA PRO C 7 3.03 19.17 -32.53
C PRO C 7 3.33 17.89 -31.76
N GLY C 8 2.30 17.39 -31.08
CA GLY C 8 2.47 16.19 -30.28
C GLY C 8 2.79 14.97 -31.13
N ALA C 9 1.99 14.74 -32.17
CA ALA C 9 2.20 13.58 -33.03
C ALA C 9 1.52 13.81 -34.38
N GLU C 10 2.08 13.19 -35.41
CA GLU C 10 1.53 13.25 -36.76
C GLU C 10 1.40 11.83 -37.30
N LEU C 11 0.53 11.68 -38.28
CA LEU C 11 0.30 10.37 -38.90
C LEU C 11 0.15 10.54 -40.41
N VAL C 12 0.89 9.71 -41.15
CA VAL C 12 0.82 9.69 -42.61
C VAL C 12 0.79 8.24 -43.07
N LYS C 13 0.46 8.06 -44.34
CA LYS C 13 0.52 6.76 -45.00
C LYS C 13 1.84 6.60 -45.73
N PRO C 14 2.25 5.37 -46.03
CA PRO C 14 3.54 5.16 -46.70
C PRO C 14 3.63 5.91 -48.02
N GLY C 15 4.83 6.44 -48.29
CA GLY C 15 5.09 7.19 -49.51
C GLY C 15 4.65 8.63 -49.48
N ALA C 16 3.87 9.05 -48.49
CA ALA C 16 3.33 10.40 -48.43
C ALA C 16 4.41 11.36 -47.92
N SER C 17 4.01 12.60 -47.65
CA SER C 17 4.89 13.64 -47.15
C SER C 17 4.23 14.31 -45.96
N VAL C 18 5.04 14.69 -44.97
CA VAL C 18 4.55 15.35 -43.77
C VAL C 18 5.33 16.65 -43.60
N LYS C 19 4.68 17.66 -43.03
CA LYS C 19 5.31 18.95 -42.76
C LYS C 19 5.26 19.19 -41.25
N LEU C 20 6.39 18.96 -40.59
CA LEU C 20 6.56 19.21 -39.17
C LEU C 20 6.95 20.67 -38.93
N SER C 21 6.52 21.21 -37.80
CA SER C 21 6.75 22.59 -37.45
C SER C 21 7.40 22.69 -36.07
N CYS C 22 7.92 23.88 -35.79
CA CYS C 22 8.60 24.17 -34.53
C CYS C 22 8.47 25.68 -34.33
N LYS C 23 7.52 26.10 -33.50
CA LYS C 23 7.22 27.51 -33.34
C LYS C 23 8.10 28.12 -32.24
N ALA C 24 8.70 29.26 -32.54
CA ALA C 24 9.57 29.95 -31.61
C ALA C 24 8.78 30.84 -30.66
N SER C 25 9.38 31.11 -29.50
CA SER C 25 8.77 31.98 -28.51
C SER C 25 9.78 32.37 -27.43
N GLY C 26 9.88 33.66 -27.14
CA GLY C 26 10.71 34.13 -26.05
C GLY C 26 12.16 34.39 -26.39
N TYR C 27 12.52 34.49 -27.66
CA TYR C 27 13.90 34.76 -28.04
C TYR C 27 13.92 35.36 -29.43
N THR C 28 15.08 35.89 -29.81
CA THR C 28 15.27 36.46 -31.14
C THR C 28 15.30 35.33 -32.17
N PHE C 29 14.31 35.31 -33.07
CA PHE C 29 14.12 34.17 -33.96
C PHE C 29 15.26 34.04 -34.96
N THR C 30 15.82 35.16 -35.41
CA THR C 30 16.84 35.16 -36.46
C THR C 30 18.26 35.21 -35.91
N SER C 31 18.44 34.93 -34.62
CA SER C 31 19.76 34.93 -34.00
C SER C 31 20.27 33.54 -33.64
N TYR C 32 19.47 32.50 -33.80
CA TYR C 32 19.83 31.14 -33.43
C TYR C 32 19.68 30.20 -34.61
N TRP C 33 20.54 29.19 -34.67
CA TRP C 33 20.39 28.11 -35.64
C TRP C 33 19.32 27.13 -35.16
N MET C 34 18.57 26.57 -36.10
CA MET C 34 17.56 25.56 -35.77
C MET C 34 18.00 24.23 -36.36
N HIS C 35 18.32 23.28 -35.49
CA HIS C 35 18.68 21.93 -35.88
C HIS C 35 17.48 21.00 -35.76
N TRP C 36 17.46 19.96 -36.59
CA TRP C 36 16.47 18.90 -36.51
C TRP C 36 17.18 17.57 -36.27
N VAL C 37 16.72 16.84 -35.25
CA VAL C 37 17.35 15.59 -34.83
C VAL C 37 16.29 14.50 -34.77
N LYS C 38 16.62 13.33 -35.27
CA LYS C 38 15.71 12.19 -35.31
C LYS C 38 16.10 11.17 -34.24
N GLN C 39 15.10 10.62 -33.57
CA GLN C 39 15.33 9.56 -32.58
C GLN C 39 14.27 8.49 -32.75
N ARG C 40 14.69 7.27 -33.01
CA ARG C 40 13.78 6.15 -33.05
C ARG C 40 13.74 5.47 -31.69
N PRO C 41 12.60 4.89 -31.31
CA PRO C 41 12.48 4.29 -29.97
C PRO C 41 13.54 3.22 -29.73
N GLY C 42 14.21 3.33 -28.59
CA GLY C 42 15.26 2.41 -28.22
C GLY C 42 16.59 2.66 -28.89
N ARG C 43 16.72 3.73 -29.67
CA ARG C 43 17.94 4.04 -30.41
C ARG C 43 18.48 5.39 -29.96
N GLY C 44 19.63 5.76 -30.52
CA GLY C 44 20.25 7.04 -30.24
C GLY C 44 19.68 8.16 -31.09
N LEU C 45 20.46 9.23 -31.20
CA LEU C 45 20.06 10.41 -31.94
C LEU C 45 20.72 10.44 -33.31
N GLU C 46 19.99 10.92 -34.31
CA GLU C 46 20.51 11.14 -35.65
C GLU C 46 20.26 12.59 -36.04
N TRP C 47 21.31 13.28 -36.47
CA TRP C 47 21.15 14.63 -36.97
C TRP C 47 20.65 14.60 -38.41
N ILE C 48 19.68 15.46 -38.71
CA ILE C 48 19.09 15.53 -40.04
C ILE C 48 19.60 16.77 -40.76
N GLY C 49 19.21 17.94 -40.28
CA GLY C 49 19.55 19.18 -40.96
C GLY C 49 19.65 20.34 -40.01
N ARG C 50 20.22 21.42 -40.53
CA ARG C 50 20.36 22.69 -39.81
C ARG C 50 19.90 23.81 -40.73
N ILE C 51 19.14 24.74 -40.18
CA ILE C 51 18.64 25.87 -40.96
C ILE C 51 18.93 27.17 -40.21
N ASP C 52 19.35 28.17 -40.98
CA ASP C 52 19.66 29.51 -40.48
C ASP C 52 18.46 30.41 -40.73
N PRO C 53 17.70 30.80 -39.70
CA PRO C 53 16.51 31.64 -39.93
C PRO C 53 16.83 33.02 -40.46
N ASN C 54 18.05 33.52 -40.31
CA ASN C 54 18.36 34.88 -40.78
C ASN C 54 18.43 34.94 -42.30
N GLY C 55 18.98 33.91 -42.92
CA GLY C 55 19.01 33.84 -44.38
C GLY C 55 18.31 32.61 -44.91
N GLY C 56 18.97 31.89 -45.79
CA GLY C 56 18.43 30.63 -46.30
C GLY C 56 19.41 29.50 -46.15
N GLY C 57 20.34 29.65 -45.21
CA GLY C 57 21.38 28.67 -45.01
C GLY C 57 20.89 27.34 -44.49
N THR C 58 20.59 26.42 -45.40
CA THR C 58 20.22 25.06 -45.04
C THR C 58 21.38 24.11 -45.31
N LYS C 59 21.56 23.15 -44.42
CA LYS C 59 22.61 22.15 -44.56
C LYS C 59 22.07 20.81 -44.09
N TYR C 60 22.26 19.77 -44.91
CA TYR C 60 21.66 18.48 -44.65
C TYR C 60 22.72 17.40 -44.53
N ASN C 61 22.43 16.41 -43.70
CA ASN C 61 23.20 15.17 -43.71
C ASN C 61 22.97 14.45 -45.03
N GLU C 62 24.03 13.83 -45.55
CA GLU C 62 23.92 13.14 -46.84
C GLU C 62 22.84 12.07 -46.82
N LYS C 63 22.61 11.46 -45.66
CA LYS C 63 21.63 10.38 -45.56
C LYS C 63 20.21 10.87 -45.74
N PHE C 64 19.91 12.12 -45.36
CA PHE C 64 18.55 12.64 -45.38
C PHE C 64 18.31 13.64 -46.50
N LYS C 65 19.24 13.79 -47.44
CA LYS C 65 19.10 14.81 -48.47
C LYS C 65 17.92 14.53 -49.39
N SER C 66 17.66 13.26 -49.69
CA SER C 66 16.58 12.87 -50.59
C SER C 66 15.23 12.79 -49.90
N LYS C 67 15.13 13.14 -48.62
CA LYS C 67 13.89 12.97 -47.88
C LYS C 67 13.45 14.22 -47.14
N ALA C 68 14.41 15.06 -46.74
CA ALA C 68 14.13 16.19 -45.84
C ALA C 68 14.28 17.51 -46.58
N THR C 69 13.44 18.47 -46.20
CA THR C 69 13.50 19.83 -46.72
C THR C 69 13.23 20.80 -45.57
N LEU C 70 14.10 21.79 -45.40
CA LEU C 70 13.99 22.74 -44.29
C LEU C 70 13.45 24.07 -44.79
N THR C 71 12.59 24.69 -43.97
CA THR C 71 11.95 25.95 -44.31
C THR C 71 11.89 26.83 -43.06
N VAL C 72 11.94 28.14 -43.26
CA VAL C 72 11.85 29.09 -42.17
C VAL C 72 10.79 30.13 -42.50
N ASP C 73 9.96 30.47 -41.52
CA ASP C 73 8.87 31.43 -41.67
C ASP C 73 9.12 32.53 -40.65
N LYS C 74 9.68 33.66 -41.11
CA LYS C 74 9.92 34.79 -40.22
C LYS C 74 8.63 35.42 -39.71
N PRO C 75 7.64 35.75 -40.55
CA PRO C 75 6.40 36.35 -40.02
C PRO C 75 5.71 35.50 -38.97
N SER C 76 5.78 34.17 -39.08
CA SER C 76 5.18 33.29 -38.10
C SER C 76 6.17 32.85 -37.02
N SER C 77 7.46 33.19 -37.18
CA SER C 77 8.51 32.78 -36.25
C SER C 77 8.51 31.27 -36.06
N THR C 78 8.51 30.54 -37.18
CA THR C 78 8.32 29.10 -37.14
C THR C 78 9.28 28.40 -38.09
N ALA C 79 9.98 27.40 -37.58
CA ALA C 79 10.80 26.52 -38.42
C ALA C 79 9.94 25.35 -38.89
N TYR C 80 10.32 24.79 -40.06
CA TYR C 80 9.59 23.71 -40.69
C TYR C 80 10.57 22.69 -41.23
N MET C 81 10.20 21.42 -41.13
CA MET C 81 10.89 20.33 -41.83
C MET C 81 9.86 19.44 -42.49
N GLN C 82 9.94 19.31 -43.81
CA GLN C 82 9.05 18.46 -44.58
C GLN C 82 9.79 17.20 -44.98
N LEU C 83 9.18 16.06 -44.69
CA LEU C 83 9.73 14.75 -45.02
C LEU C 83 8.92 14.12 -46.13
N SER C 84 9.61 13.66 -47.17
CA SER C 84 9.01 12.99 -48.31
C SER C 84 9.56 11.57 -48.43
N SER C 85 8.91 10.77 -49.27
CA SER C 85 9.26 9.35 -49.45
C SER C 85 9.25 8.62 -48.11
N LEU C 86 8.15 8.77 -47.38
CA LEU C 86 8.07 8.27 -46.01
C LEU C 86 7.78 6.78 -45.99
N THR C 87 8.53 6.06 -45.16
CA THR C 87 8.34 4.63 -44.92
C THR C 87 8.29 4.40 -43.41
N SER C 88 8.17 3.13 -43.03
CA SER C 88 8.20 2.78 -41.61
C SER C 88 9.57 3.06 -40.99
N GLU C 89 10.62 3.12 -41.81
CA GLU C 89 11.95 3.52 -41.35
C GLU C 89 11.99 4.96 -40.84
N ASP C 90 10.97 5.75 -41.13
CA ASP C 90 10.93 7.16 -40.75
C ASP C 90 10.09 7.43 -39.52
N SER C 91 9.37 6.43 -39.01
CA SER C 91 8.56 6.60 -37.80
C SER C 91 9.49 6.85 -36.62
N ALA C 92 9.45 8.07 -36.08
CA ALA C 92 10.40 8.46 -35.03
C ALA C 92 9.97 9.79 -34.44
N VAL C 93 10.67 10.21 -33.39
CA VAL C 93 10.46 11.51 -32.77
C VAL C 93 11.46 12.49 -33.36
N TYR C 94 10.98 13.61 -33.87
CA TYR C 94 11.80 14.63 -34.48
C TYR C 94 11.82 15.86 -33.59
N TYR C 95 13.00 16.21 -33.09
CA TYR C 95 13.19 17.36 -32.22
C TYR C 95 13.78 18.52 -33.00
N CYS C 96 13.33 19.72 -32.69
CA CYS C 96 14.02 20.93 -33.09
C CYS C 96 14.81 21.47 -31.91
N ALA C 97 15.97 22.05 -32.22
CA ALA C 97 16.89 22.50 -31.18
C ALA C 97 17.53 23.82 -31.58
N ARG C 98 17.75 24.68 -30.59
CA ARG C 98 18.44 25.95 -30.80
C ARG C 98 19.95 25.75 -30.65
N MET C 99 20.71 26.45 -31.49
CA MET C 99 22.15 26.49 -31.32
C MET C 99 22.65 27.92 -31.46
N TRP C 100 23.54 28.32 -30.55
CA TRP C 100 24.15 29.64 -30.58
C TRP C 100 25.37 29.62 -31.48
N TYR C 101 25.49 30.65 -32.33
CA TYR C 101 26.52 30.70 -33.37
C TYR C 101 27.63 31.69 -33.05
N TYR C 102 27.29 32.92 -32.71
CA TYR C 102 28.31 33.94 -32.51
C TYR C 102 29.12 33.65 -31.25
N GLY C 103 30.43 33.91 -31.33
CA GLY C 103 31.32 33.59 -30.24
C GLY C 103 31.58 32.10 -30.16
N THR C 104 31.05 31.45 -29.12
CA THR C 104 31.20 30.01 -28.95
C THR C 104 30.03 29.27 -29.57
N TYR C 105 30.25 28.01 -29.89
CA TYR C 105 29.24 27.13 -30.46
C TYR C 105 28.70 26.22 -29.35
N TYR C 106 27.41 26.32 -29.06
CA TYR C 106 26.81 25.45 -28.05
C TYR C 106 25.31 25.35 -28.26
N PHE C 107 24.74 24.25 -27.78
CA PHE C 107 23.30 24.04 -27.72
C PHE C 107 22.75 24.59 -26.42
N ASP C 108 21.44 24.83 -26.41
CA ASP C 108 20.76 25.18 -25.16
C ASP C 108 19.35 24.61 -25.11
N TYR C 109 18.41 25.21 -25.84
CA TYR C 109 17.00 24.86 -25.74
C TYR C 109 16.60 23.89 -26.84
N TRP C 110 15.84 22.87 -26.44
CA TRP C 110 15.28 21.88 -27.34
C TRP C 110 13.76 21.91 -27.27
N GLY C 111 13.12 21.39 -28.32
CA GLY C 111 11.70 21.18 -28.31
C GLY C 111 11.34 19.86 -27.65
N GLN C 112 10.03 19.64 -27.52
CA GLN C 112 9.54 18.38 -26.96
C GLN C 112 9.52 17.26 -27.98
N GLY C 113 9.63 17.56 -29.27
CA GLY C 113 9.67 16.54 -30.30
C GLY C 113 8.31 16.14 -30.80
N THR C 114 8.21 15.84 -32.09
CA THR C 114 6.97 15.39 -32.71
C THR C 114 7.12 13.93 -33.10
N THR C 115 6.15 13.11 -32.68
CA THR C 115 6.16 11.68 -32.97
C THR C 115 5.48 11.43 -34.31
N LEU C 116 6.28 11.12 -35.34
CA LEU C 116 5.76 10.83 -36.66
C LEU C 116 5.62 9.32 -36.82
N THR C 117 4.42 8.89 -37.17
CA THR C 117 4.11 7.49 -37.47
C THR C 117 3.72 7.38 -38.93
N VAL C 118 4.33 6.44 -39.63
CA VAL C 118 4.03 6.17 -41.04
C VAL C 118 3.40 4.79 -41.10
N SER C 119 2.10 4.74 -41.42
CA SER C 119 1.40 3.46 -41.43
C SER C 119 0.15 3.57 -42.29
N SER C 120 -0.25 2.43 -42.86
CA SER C 120 -1.50 2.32 -43.61
C SER C 120 -2.59 1.63 -42.80
N ALA C 121 -2.34 1.34 -41.54
CA ALA C 121 -3.29 0.62 -40.71
C ALA C 121 -4.50 1.49 -40.39
N SER C 122 -5.57 0.83 -39.95
CA SER C 122 -6.81 1.53 -39.61
C SER C 122 -6.63 2.31 -38.30
N ILE C 123 -7.58 3.21 -38.06
CA ILE C 123 -7.52 4.13 -36.93
C ILE C 123 -8.60 3.77 -35.93
N ARG C 124 -8.23 3.75 -34.65
CA ARG C 124 -9.15 3.51 -33.55
C ARG C 124 -9.11 4.73 -32.63
N ASN C 125 -10.27 5.38 -32.47
CA ASN C 125 -10.32 6.61 -31.68
C ASN C 125 -10.53 6.28 -30.20
N PRO C 126 -10.06 7.15 -29.31
CA PRO C 126 -10.03 6.80 -27.88
C PRO C 126 -11.41 6.75 -27.25
N GLN C 127 -11.52 5.94 -26.20
CA GLN C 127 -12.70 5.87 -25.35
C GLN C 127 -12.32 6.43 -23.98
N LEU C 128 -12.95 7.54 -23.60
CA LEU C 128 -12.65 8.20 -22.34
C LEU C 128 -13.64 7.75 -21.27
N TYR C 129 -13.12 7.13 -20.21
CA TYR C 129 -13.94 6.75 -19.06
C TYR C 129 -13.42 7.47 -17.83
N PRO C 130 -14.27 8.22 -17.12
CA PRO C 130 -13.81 8.87 -15.88
C PRO C 130 -13.61 7.85 -14.77
N LEU C 131 -12.48 7.96 -14.08
CA LEU C 131 -12.13 7.02 -13.03
C LEU C 131 -12.71 7.52 -11.72
N LYS C 132 -13.63 6.76 -11.16
CA LYS C 132 -14.28 7.13 -9.90
C LYS C 132 -13.29 6.94 -8.75
N PRO C 133 -13.00 7.98 -7.98
CA PRO C 133 -12.04 7.82 -6.87
C PRO C 133 -12.42 6.75 -5.88
N CYS C 134 -13.72 6.52 -5.67
CA CYS C 134 -14.24 5.58 -4.68
C CYS C 134 -13.80 5.99 -3.28
N LYS C 135 -14.76 6.43 -2.46
CA LYS C 135 -14.48 7.10 -1.20
C LYS C 135 -13.55 6.28 -0.32
N GLY C 136 -12.73 6.98 0.47
CA GLY C 136 -11.73 6.34 1.28
C GLY C 136 -10.38 7.03 1.18
N THR C 137 -10.40 8.30 0.78
CA THR C 137 -9.18 9.08 0.60
C THR C 137 -9.35 10.50 1.14
N MET C 140 -8.07 14.57 -2.96
CA MET C 140 -8.95 14.05 -4.00
C MET C 140 -8.14 13.51 -5.18
N THR C 141 -8.46 12.28 -5.58
CA THR C 141 -7.75 11.59 -6.65
C THR C 141 -8.73 11.30 -7.78
N LEU C 142 -8.60 12.05 -8.87
CA LEU C 142 -9.40 11.83 -10.07
C LEU C 142 -8.52 11.25 -11.17
N GLY C 143 -9.15 10.84 -12.26
CA GLY C 143 -8.38 10.27 -13.36
C GLY C 143 -9.25 9.98 -14.56
N CYS C 144 -8.58 9.67 -15.67
CA CYS C 144 -9.22 9.33 -16.92
C CYS C 144 -8.55 8.11 -17.53
N LEU C 145 -9.37 7.16 -17.98
CA LEU C 145 -8.89 5.96 -18.64
C LEU C 145 -9.19 6.07 -20.14
N VAL C 146 -8.14 6.04 -20.94
CA VAL C 146 -8.24 6.03 -22.39
C VAL C 146 -8.07 4.59 -22.83
N LYS C 147 -9.19 3.92 -23.11
CA LYS C 147 -9.20 2.47 -23.27
C LYS C 147 -8.61 2.01 -24.60
N ASP C 148 -9.39 2.07 -25.67
CA ASP C 148 -9.00 1.55 -26.97
C ASP C 148 -8.71 2.71 -27.91
N TYR C 149 -7.51 2.72 -28.49
CA TYR C 149 -7.07 3.80 -29.38
C TYR C 149 -5.97 3.27 -30.28
N PHE C 150 -5.84 3.87 -31.49
CA PHE C 150 -4.75 3.39 -32.34
C PHE C 150 -4.41 4.15 -33.62
N PRO C 151 -3.29 4.87 -33.64
CA PRO C 151 -2.16 4.36 -34.42
C PRO C 151 -0.98 4.14 -33.47
N GLY C 152 -1.11 4.69 -32.26
CA GLY C 152 -0.04 4.69 -31.28
C GLY C 152 -0.15 5.83 -30.28
N PRO C 153 -0.06 7.08 -30.75
CA PRO C 153 0.12 8.22 -29.83
C PRO C 153 -1.19 8.76 -29.26
N VAL C 154 -1.10 9.24 -28.02
CA VAL C 154 -2.22 9.83 -27.30
C VAL C 154 -1.65 10.89 -26.35
N THR C 155 -2.33 12.04 -26.27
CA THR C 155 -1.91 13.16 -25.42
C THR C 155 -3.07 13.56 -24.51
N VAL C 156 -2.72 14.09 -23.33
CA VAL C 156 -3.68 14.40 -22.27
C VAL C 156 -3.32 15.74 -21.63
N THR C 157 -4.34 16.56 -21.38
CA THR C 157 -4.24 17.78 -20.59
C THR C 157 -5.42 17.84 -19.61
N TRP C 158 -5.29 18.70 -18.59
CA TRP C 158 -6.28 18.77 -17.52
C TRP C 158 -6.73 20.21 -17.30
N TYR C 159 -8.00 20.37 -16.97
CA TYR C 159 -8.57 21.64 -16.56
C TYR C 159 -9.00 21.56 -15.09
N SER C 160 -8.88 22.69 -14.40
CA SER C 160 -9.28 22.76 -13.00
C SER C 160 -9.68 24.19 -12.68
N ASP C 161 -10.49 24.34 -11.63
CA ASP C 161 -10.77 25.66 -11.07
C ASP C 161 -9.66 26.04 -10.08
N SER C 162 -8.45 26.19 -10.64
CA SER C 162 -7.24 26.53 -9.91
C SER C 162 -6.79 25.42 -8.97
N LEU C 163 -6.44 25.78 -7.73
CA LEU C 163 -5.98 24.87 -6.68
C LEU C 163 -4.59 24.31 -6.94
N ASN C 164 -3.94 23.83 -5.88
CA ASN C 164 -2.67 23.13 -5.97
C ASN C 164 -2.94 21.72 -6.48
N MET C 165 -2.65 21.49 -7.75
CA MET C 165 -2.98 20.23 -8.41
C MET C 165 -1.74 19.63 -9.05
N SER C 166 -1.56 18.31 -8.86
CA SER C 166 -0.51 17.55 -9.50
C SER C 166 -1.13 16.53 -10.44
N THR C 167 -0.43 16.22 -11.52
CA THR C 167 -0.92 15.28 -12.52
C THR C 167 0.18 14.30 -12.90
N VAL C 168 -0.24 13.07 -13.20
CA VAL C 168 0.67 12.01 -13.63
C VAL C 168 0.10 11.36 -14.88
N ASN C 169 0.92 11.26 -15.92
CA ASN C 169 0.57 10.59 -17.17
C ASN C 169 1.34 9.28 -17.23
N PHE C 170 0.61 8.16 -17.32
CA PHE C 170 1.22 6.85 -17.21
C PHE C 170 1.54 6.27 -18.59
N PRO C 171 2.55 5.41 -18.67
CA PRO C 171 2.85 4.74 -19.94
C PRO C 171 1.72 3.81 -20.36
N ALA C 172 1.75 3.44 -21.63
CA ALA C 172 0.68 2.66 -22.25
C ALA C 172 1.00 1.16 -22.23
N LEU C 173 -0.06 0.36 -22.32
CA LEU C 173 0.09 -1.08 -22.45
C LEU C 173 0.44 -1.45 -23.89
N GLY C 174 0.96 -2.67 -24.06
CA GLY C 174 1.12 -3.22 -25.39
C GLY C 174 -0.20 -3.43 -26.11
N SER C 175 -1.30 -3.51 -25.37
CA SER C 175 -2.64 -3.60 -25.93
C SER C 175 -3.25 -2.23 -26.18
N GLU C 176 -2.46 -1.16 -26.06
CA GLU C 176 -2.88 0.22 -26.34
C GLU C 176 -3.94 0.72 -25.37
N LEU C 177 -3.61 0.80 -24.09
CA LEU C 177 -4.45 1.42 -23.07
C LEU C 177 -3.62 2.46 -22.31
N LYS C 178 -4.27 3.54 -21.88
CA LYS C 178 -3.56 4.62 -21.20
C LYS C 178 -4.39 5.13 -20.03
N VAL C 179 -3.70 5.73 -19.05
CA VAL C 179 -4.33 6.24 -17.84
C VAL C 179 -3.65 7.54 -17.44
N THR C 180 -4.44 8.54 -17.05
CA THR C 180 -3.92 9.76 -16.47
C THR C 180 -4.62 10.00 -15.13
N THR C 181 -3.90 10.61 -14.19
CA THR C 181 -4.44 10.83 -12.86
C THR C 181 -4.10 12.24 -12.37
N SER C 182 -4.90 12.71 -11.42
CA SER C 182 -4.79 14.06 -10.88
C SER C 182 -5.04 14.01 -9.38
N GLN C 183 -4.07 14.50 -8.62
CA GLN C 183 -4.19 14.66 -7.18
C GLN C 183 -4.41 16.14 -6.84
N VAL C 184 -5.36 16.40 -5.96
CA VAL C 184 -5.80 17.76 -5.66
C VAL C 184 -5.48 18.08 -4.21
N THR C 185 -4.87 19.23 -3.97
CA THR C 185 -4.56 19.69 -2.61
C THR C 185 -5.59 20.71 -2.14
N ALA C 191 -12.03 23.14 -3.12
CA ALA C 191 -13.26 22.48 -3.51
C ALA C 191 -13.77 23.03 -4.85
N LYS C 192 -13.48 22.30 -5.93
CA LYS C 192 -13.80 22.76 -7.27
C LYS C 192 -14.45 21.66 -8.11
N ASN C 193 -14.12 21.63 -9.41
CA ASN C 193 -14.60 20.62 -10.34
C ASN C 193 -13.50 20.33 -11.34
N PHE C 194 -13.49 19.13 -11.91
CA PHE C 194 -12.35 18.77 -12.75
C PHE C 194 -12.80 18.07 -14.02
N THR C 195 -11.94 18.12 -15.03
CA THR C 195 -12.20 17.47 -16.30
C THR C 195 -10.89 17.26 -17.04
N CYS C 196 -10.88 16.24 -17.91
CA CYS C 196 -9.71 15.88 -18.69
C CYS C 196 -10.02 15.96 -20.19
N HIS C 197 -8.99 16.30 -20.95
CA HIS C 197 -9.07 16.55 -22.39
C HIS C 197 -7.99 15.73 -23.09
N VAL C 198 -8.39 14.91 -24.06
CA VAL C 198 -7.50 13.98 -24.73
C VAL C 198 -7.51 14.25 -26.24
N THR C 199 -6.32 14.24 -26.84
CA THR C 199 -6.14 14.42 -28.27
C THR C 199 -5.48 13.18 -28.85
N HIS C 200 -5.97 12.73 -30.01
CA HIS C 200 -5.52 11.49 -30.63
C HIS C 200 -5.45 11.68 -32.14
N PRO C 201 -4.28 12.02 -32.68
CA PRO C 201 -4.14 12.09 -34.13
C PRO C 201 -4.41 10.74 -34.75
N PRO C 202 -4.84 10.70 -36.02
CA PRO C 202 -4.98 11.75 -37.04
C PRO C 202 -6.00 12.85 -36.71
N SER C 203 -5.76 14.04 -37.23
CA SER C 203 -6.61 15.22 -37.01
C SER C 203 -6.63 15.51 -35.51
N PHE C 204 -7.74 16.07 -35.01
CA PHE C 204 -7.89 16.42 -33.61
C PHE C 204 -9.12 15.69 -33.07
N ASN C 205 -8.93 14.43 -32.68
CA ASN C 205 -9.98 13.66 -32.01
C ASN C 205 -10.01 14.05 -30.53
N GLU C 206 -10.39 15.31 -30.30
CA GLU C 206 -10.37 15.89 -28.97
C GLU C 206 -11.63 15.46 -28.22
N SER C 207 -11.46 14.60 -27.22
CA SER C 207 -12.55 14.20 -26.34
C SER C 207 -12.31 14.77 -24.95
N ARG C 208 -13.37 14.81 -24.15
CA ARG C 208 -13.30 15.44 -22.84
C ARG C 208 -14.29 14.76 -21.90
N THR C 209 -13.92 14.64 -20.63
CA THR C 209 -14.80 14.04 -19.64
C THR C 209 -14.62 14.73 -18.29
N ILE C 210 -15.72 14.93 -17.57
CA ILE C 210 -15.72 15.72 -16.34
C ILE C 210 -16.06 14.82 -15.14
N LEU C 211 -15.70 15.30 -13.95
CA LEU C 211 -16.00 14.63 -12.69
C LEU C 211 -15.71 15.58 -11.54
N VAL C 212 -16.37 15.31 -10.40
CA VAL C 212 -16.32 16.15 -9.21
C VAL C 212 -17.04 15.47 -8.05
N ARG C 213 -16.52 15.61 -6.84
CA ARG C 213 -17.20 15.18 -5.62
C ARG C 213 -16.85 16.18 -4.51
N PRO C 214 -17.73 17.15 -4.26
CA PRO C 214 -17.38 18.26 -3.36
C PRO C 214 -17.63 17.94 -1.89
N VAL C 215 -17.11 18.82 -1.04
CA VAL C 215 -17.24 18.70 0.41
C VAL C 215 -17.42 20.09 1.01
N ASN C 216 -17.92 20.14 2.25
CA ASN C 216 -18.18 21.40 2.94
C ASN C 216 -18.50 21.17 4.41
N ILE C 217 -17.49 21.28 5.28
CA ILE C 217 -17.66 21.13 6.72
C ILE C 217 -16.76 22.13 7.44
N THR C 218 -17.30 22.81 8.44
CA THR C 218 -16.56 23.78 9.24
C THR C 218 -16.30 23.20 10.62
N GLU C 219 -15.04 23.22 11.06
CA GLU C 219 -14.65 22.65 12.34
C GLU C 219 -14.49 23.75 13.37
N PRO C 220 -15.34 23.81 14.40
CA PRO C 220 -15.19 24.85 15.43
C PRO C 220 -14.14 24.45 16.46
N THR C 221 -13.73 25.46 17.25
CA THR C 221 -12.76 25.28 18.33
C THR C 221 -13.49 25.33 19.65
N LEU C 222 -13.19 24.38 20.53
CA LEU C 222 -13.83 24.28 21.84
C LEU C 222 -12.86 24.70 22.93
N GLU C 223 -13.32 25.55 23.84
CA GLU C 223 -12.58 25.91 25.05
C GLU C 223 -13.50 25.70 26.24
N LEU C 224 -13.17 24.73 27.09
CA LEU C 224 -13.96 24.43 28.28
C LEU C 224 -13.24 25.01 29.49
N LEU C 225 -13.74 26.15 29.97
CA LEU C 225 -13.17 26.87 31.10
C LEU C 225 -14.02 26.65 32.35
N HIS C 226 -13.45 27.02 33.48
CA HIS C 226 -14.03 26.70 34.78
C HIS C 226 -13.81 27.86 35.74
N SER C 227 -14.86 28.23 36.46
CA SER C 227 -14.78 29.26 37.49
C SER C 227 -14.46 28.59 38.82
N SER C 228 -13.28 28.88 39.36
CA SER C 228 -12.81 28.22 40.56
C SER C 228 -13.14 29.06 41.80
N CYS C 229 -12.68 28.60 42.96
CA CYS C 229 -12.97 29.28 44.21
C CYS C 229 -12.22 30.61 44.30
N ASP C 230 -12.94 31.66 44.63
CA ASP C 230 -12.32 32.90 45.06
C ASP C 230 -11.77 32.71 46.47
N PRO C 231 -10.46 32.83 46.69
CA PRO C 231 -9.90 32.59 48.03
C PRO C 231 -10.40 33.57 49.08
N ASN C 232 -11.05 34.66 48.69
CA ASN C 232 -11.60 35.63 49.64
C ASN C 232 -13.02 35.30 50.07
N ALA C 233 -13.69 34.37 49.40
CA ALA C 233 -15.06 34.00 49.70
C ALA C 233 -15.12 32.63 50.34
N PHE C 234 -16.08 32.46 51.26
CA PHE C 234 -16.27 31.17 51.91
C PHE C 234 -16.92 30.18 50.96
N HIS C 235 -17.96 30.61 50.25
CA HIS C 235 -18.63 29.80 49.24
C HIS C 235 -18.43 30.45 47.87
N SER C 236 -18.08 29.64 46.89
CA SER C 236 -17.98 30.08 45.50
C SER C 236 -18.90 29.20 44.64
N THR C 237 -19.51 29.83 43.64
CA THR C 237 -20.34 29.10 42.69
C THR C 237 -19.45 28.58 41.58
N ILE C 238 -19.41 27.25 41.43
CA ILE C 238 -18.60 26.61 40.40
C ILE C 238 -19.41 26.54 39.12
N GLN C 239 -18.87 27.12 38.05
CA GLN C 239 -19.57 27.20 36.78
C GLN C 239 -18.63 26.82 35.64
N LEU C 240 -19.14 26.05 34.68
CA LEU C 240 -18.39 25.61 33.52
C LEU C 240 -18.85 26.39 32.30
N TYR C 241 -17.87 26.82 31.48
CA TYR C 241 -18.10 27.64 30.30
C TYR C 241 -17.58 26.89 29.09
N CYS C 242 -18.49 26.51 28.20
CA CYS C 242 -18.14 25.82 26.96
C CYS C 242 -18.19 26.88 25.85
N PHE C 243 -17.03 27.39 25.46
CA PHE C 243 -16.91 28.33 24.36
C PHE C 243 -16.75 27.56 23.05
N ILE C 244 -17.61 27.85 22.09
CA ILE C 244 -17.55 27.25 20.76
C ILE C 244 -17.28 28.39 19.78
N TYR C 245 -16.07 28.41 19.21
CA TYR C 245 -15.66 29.47 18.31
C TYR C 245 -15.69 28.97 16.86
N GLY C 246 -16.28 29.77 15.98
CA GLY C 246 -16.18 29.52 14.55
C GLY C 246 -17.02 28.39 14.02
N HIS C 247 -18.21 28.17 14.58
CA HIS C 247 -19.11 27.16 14.07
C HIS C 247 -19.98 27.73 12.94
N ILE C 248 -20.72 26.83 12.28
CA ILE C 248 -21.66 27.26 11.26
C ILE C 248 -22.75 28.12 11.91
N LEU C 249 -23.15 29.19 11.21
CA LEU C 249 -24.00 30.21 11.80
C LEU C 249 -25.29 29.64 12.39
N ASN C 250 -25.88 28.66 11.71
CA ASN C 250 -27.20 28.17 12.08
C ASN C 250 -27.20 26.68 12.40
N ASP C 251 -26.06 26.14 12.85
CA ASP C 251 -25.98 24.71 13.16
C ASP C 251 -25.02 24.51 14.33
N VAL C 252 -25.57 24.43 15.54
CA VAL C 252 -24.80 24.06 16.72
C VAL C 252 -25.79 23.58 17.77
N SER C 253 -25.43 22.51 18.47
CA SER C 253 -26.29 21.92 19.49
C SER C 253 -25.44 21.45 20.65
N VAL C 254 -25.64 22.03 21.84
CA VAL C 254 -24.79 21.77 22.99
C VAL C 254 -25.59 20.97 24.02
N SER C 255 -25.00 19.87 24.49
CA SER C 255 -25.51 19.13 25.63
C SER C 255 -24.40 18.96 26.66
N TRP C 256 -24.78 18.64 27.89
CA TRP C 256 -23.83 18.49 28.98
C TRP C 256 -23.95 17.10 29.60
N LEU C 257 -22.82 16.59 30.07
CA LEU C 257 -22.76 15.28 30.71
C LEU C 257 -21.89 15.36 31.95
N MET C 258 -22.21 14.51 32.93
CA MET C 258 -21.41 14.36 34.14
C MET C 258 -21.14 12.88 34.33
N ASP C 259 -19.86 12.50 34.37
CA ASP C 259 -19.46 11.09 34.41
C ASP C 259 -20.05 10.33 33.22
N ASP C 260 -20.09 10.98 32.07
CA ASP C 260 -20.53 10.44 30.79
C ASP C 260 -22.02 10.11 30.77
N ARG C 261 -22.79 10.62 31.73
CA ARG C 261 -24.25 10.50 31.74
C ARG C 261 -24.85 11.88 31.55
N GLU C 262 -25.82 11.99 30.64
CA GLU C 262 -26.32 13.30 30.26
C GLU C 262 -27.05 13.97 31.42
N ILE C 263 -26.85 15.28 31.54
CA ILE C 263 -27.50 16.09 32.57
C ILE C 263 -28.82 16.60 32.02
N THR C 264 -29.92 16.27 32.72
CA THR C 264 -31.24 16.72 32.33
C THR C 264 -31.95 17.55 33.39
N ASP C 265 -31.51 17.48 34.65
CA ASP C 265 -32.15 18.25 35.70
C ASP C 265 -31.72 19.72 35.66
N THR C 266 -30.42 19.97 35.61
CA THR C 266 -29.90 21.33 35.60
C THR C 266 -29.99 21.90 34.19
N LEU C 267 -30.45 23.14 34.08
CA LEU C 267 -30.57 23.82 32.81
C LEU C 267 -29.30 24.62 32.53
N ALA C 268 -28.84 24.56 31.28
CA ALA C 268 -27.69 25.33 30.84
C ALA C 268 -28.15 26.57 30.08
N GLN C 269 -27.31 27.60 30.09
CA GLN C 269 -27.57 28.84 29.39
C GLN C 269 -26.63 28.92 28.19
N THR C 270 -27.20 28.83 26.99
CA THR C 270 -26.43 28.85 25.75
C THR C 270 -26.80 30.12 25.00
N VAL C 271 -25.83 31.01 24.83
CA VAL C 271 -26.06 32.31 24.20
C VAL C 271 -25.03 32.53 23.09
N LEU C 272 -25.36 33.46 22.20
CA LEU C 272 -24.51 33.81 21.09
C LEU C 272 -23.51 34.88 21.51
N ILE C 273 -22.24 34.67 21.19
CA ILE C 273 -21.20 35.66 21.46
C ILE C 273 -20.99 36.58 20.28
N LYS C 274 -20.77 36.03 19.09
CA LYS C 274 -20.37 36.85 17.95
C LYS C 274 -20.80 36.21 16.66
N GLU C 275 -21.04 37.04 15.64
CA GLU C 275 -21.35 36.59 14.29
C GLU C 275 -20.33 37.18 13.32
N GLU C 276 -19.82 36.34 12.41
CA GLU C 276 -18.84 36.73 11.40
C GLU C 276 -19.30 36.10 10.08
N GLY C 277 -20.14 36.83 9.35
CA GLY C 277 -20.67 36.35 8.10
C GLY C 277 -21.48 35.08 8.24
N LYS C 278 -20.98 33.98 7.68
CA LYS C 278 -21.63 32.68 7.79
C LYS C 278 -21.14 31.87 8.97
N LEU C 279 -20.32 32.45 9.85
CA LEU C 279 -19.84 31.76 11.04
C LEU C 279 -20.33 32.47 12.28
N ALA C 280 -20.23 31.78 13.41
CA ALA C 280 -20.65 32.36 14.68
C ALA C 280 -19.89 31.70 15.81
N SER C 281 -19.95 32.33 16.97
CA SER C 281 -19.32 31.83 18.19
C SER C 281 -20.30 32.00 19.35
N THR C 282 -20.45 30.94 20.14
CA THR C 282 -21.42 30.87 21.22
C THR C 282 -20.73 30.40 22.50
N CYS C 283 -21.45 30.51 23.61
CA CYS C 283 -20.98 30.05 24.92
C CYS C 283 -22.13 29.40 25.67
N SER C 284 -21.87 28.23 26.24
CA SER C 284 -22.85 27.51 27.06
C SER C 284 -22.36 27.48 28.49
N LYS C 285 -23.18 27.99 29.41
CA LYS C 285 -22.81 28.05 30.82
C LYS C 285 -23.62 27.02 31.61
N LEU C 286 -22.94 26.30 32.50
CA LEU C 286 -23.60 25.28 33.32
C LEU C 286 -23.10 25.37 34.75
N ASN C 287 -24.02 25.46 35.70
CA ASN C 287 -23.65 25.53 37.11
C ASN C 287 -23.55 24.13 37.71
N ILE C 288 -22.53 23.92 38.54
CA ILE C 288 -22.41 22.69 39.31
C ILE C 288 -22.10 23.07 40.75
N THR C 289 -22.34 22.13 41.65
CA THR C 289 -22.11 22.39 43.06
C THR C 289 -20.63 22.20 43.40
N GLU C 290 -20.22 22.79 44.51
CA GLU C 290 -18.84 22.60 44.99
C GLU C 290 -18.58 21.13 45.29
N GLN C 291 -19.57 20.42 45.81
CA GLN C 291 -19.39 18.99 46.10
C GLN C 291 -19.15 18.20 44.83
N GLN C 292 -19.90 18.51 43.76
CA GLN C 292 -19.74 17.78 42.50
C GLN C 292 -18.35 18.01 41.91
N TRP C 293 -17.84 19.23 42.02
CA TRP C 293 -16.50 19.51 41.49
C TRP C 293 -15.42 18.89 42.36
N MET C 294 -15.60 18.90 43.67
CA MET C 294 -14.62 18.31 44.57
C MET C 294 -14.60 16.79 44.48
N SER C 295 -15.70 16.18 44.06
CA SER C 295 -15.79 14.72 43.95
C SER C 295 -14.94 14.15 42.81
N GLU C 296 -14.24 15.01 42.06
CA GLU C 296 -13.41 14.60 40.93
CA GLU C 296 -13.40 14.57 40.95
C GLU C 296 -14.21 13.83 39.89
N SER C 297 -15.49 14.14 39.77
CA SER C 297 -16.27 13.63 38.65
C SER C 297 -15.91 14.42 37.40
N THR C 298 -16.10 13.78 36.25
CA THR C 298 -15.80 14.43 34.98
C THR C 298 -17.02 15.20 34.49
N PHE C 299 -16.76 16.22 33.68
CA PHE C 299 -17.82 17.01 33.08
C PHE C 299 -17.51 17.22 31.62
N THR C 300 -18.54 17.12 30.78
CA THR C 300 -18.37 17.17 29.34
C THR C 300 -19.37 18.14 28.74
N CYS C 301 -18.93 18.96 27.80
CA CYS C 301 -19.85 19.62 26.89
C CYS C 301 -19.68 18.99 25.52
N LYS C 302 -20.77 18.39 25.03
CA LYS C 302 -20.81 17.74 23.73
C LYS C 302 -21.50 18.68 22.76
N VAL C 303 -20.76 19.14 21.76
CA VAL C 303 -21.24 20.06 20.74
C VAL C 303 -21.43 19.27 19.46
N THR C 304 -22.61 19.35 18.87
CA THR C 304 -22.92 18.67 17.63
C THR C 304 -23.17 19.71 16.56
N SER C 305 -22.47 19.57 15.43
CA SER C 305 -22.59 20.52 14.33
C SER C 305 -22.33 19.79 13.03
N GLN C 306 -23.25 19.92 12.08
CA GLN C 306 -23.15 19.30 10.76
C GLN C 306 -22.96 17.78 10.87
N GLY C 307 -23.61 17.15 11.85
CA GLY C 307 -23.46 15.74 12.04
C GLY C 307 -22.18 15.30 12.70
N VAL C 308 -21.31 16.24 13.08
CA VAL C 308 -20.03 15.93 13.71
C VAL C 308 -20.14 16.22 15.20
N ASP C 309 -19.60 15.31 16.01
CA ASP C 309 -19.61 15.42 17.46
C ASP C 309 -18.22 15.86 17.93
N TYR C 310 -18.11 17.13 18.29
CA TYR C 310 -16.95 17.64 19.01
C TYR C 310 -17.28 17.62 20.49
N LEU C 311 -16.26 17.44 21.32
CA LEU C 311 -16.50 17.34 22.75
C LEU C 311 -15.40 18.08 23.51
N ALA C 312 -15.71 18.40 24.77
CA ALA C 312 -14.70 18.92 25.68
C ALA C 312 -14.95 18.33 27.06
N HIS C 313 -13.89 17.81 27.67
CA HIS C 313 -13.95 17.18 28.98
C HIS C 313 -13.09 17.94 29.97
N THR C 314 -13.55 18.02 31.21
CA THR C 314 -12.85 18.69 32.29
C THR C 314 -13.08 17.96 33.60
N ARG C 315 -12.25 18.30 34.58
CA ARG C 315 -12.22 17.64 35.88
C ARG C 315 -11.26 18.44 36.77
N ARG C 316 -11.57 18.51 38.06
CA ARG C 316 -10.65 19.14 38.99
C ARG C 316 -9.31 18.42 38.95
N CYS C 317 -8.23 19.17 39.12
CA CYS C 317 -6.90 18.58 39.01
C CYS C 317 -6.65 17.67 40.21
N PRO C 318 -6.47 16.36 40.01
CA PRO C 318 -6.39 15.42 41.12
C PRO C 318 -5.03 15.49 41.82
N ASP C 319 -4.91 14.71 42.91
CA ASP C 319 -3.75 14.71 43.80
C ASP C 319 -3.58 16.06 44.49
N GLN D 1 31.63 5.32 -42.44
CA GLN D 1 31.42 6.68 -41.94
C GLN D 1 32.20 6.90 -40.65
N ALA D 2 32.05 8.09 -40.07
CA ALA D 2 32.65 8.40 -38.78
C ALA D 2 31.61 8.21 -37.69
N VAL D 3 31.98 7.48 -36.64
CA VAL D 3 31.08 7.19 -35.53
C VAL D 3 31.69 7.70 -34.23
N VAL D 4 30.82 7.98 -33.27
CA VAL D 4 31.19 8.51 -31.96
C VAL D 4 30.80 7.51 -30.90
N THR D 5 31.69 7.24 -29.95
CA THR D 5 31.49 6.21 -28.95
C THR D 5 31.66 6.78 -27.55
N GLN D 6 30.71 6.48 -26.68
CA GLN D 6 30.77 6.83 -25.26
C GLN D 6 30.62 5.57 -24.42
N GLU D 7 30.84 5.72 -23.12
CA GLU D 7 30.57 4.63 -22.19
C GLU D 7 29.08 4.34 -22.14
N SER D 8 28.74 3.07 -21.88
CA SER D 8 27.33 2.69 -21.82
C SER D 8 26.66 3.26 -20.59
N ALA D 9 27.29 3.11 -19.43
CA ALA D 9 26.70 3.58 -18.17
C ALA D 9 27.81 3.81 -17.16
N LEU D 10 27.66 4.87 -16.37
CA LEU D 10 28.57 5.19 -15.28
C LEU D 10 27.76 5.41 -14.01
N THR D 11 28.44 5.31 -12.87
CA THR D 11 27.78 5.40 -11.57
C THR D 11 28.64 6.23 -10.63
N THR D 12 28.01 7.22 -10.00
CA THR D 12 28.71 8.11 -9.07
C THR D 12 27.85 8.33 -7.84
N SER D 13 28.51 8.64 -6.72
CA SER D 13 27.84 8.97 -5.47
C SER D 13 27.75 10.48 -5.31
N PRO D 14 26.71 10.98 -4.65
CA PRO D 14 26.58 12.43 -4.43
C PRO D 14 27.80 13.00 -3.71
N GLY D 15 28.30 14.12 -4.22
CA GLY D 15 29.48 14.75 -3.70
C GLY D 15 30.78 14.35 -4.40
N GLU D 16 30.78 13.23 -5.12
CA GLU D 16 31.98 12.78 -5.81
C GLU D 16 32.12 13.49 -7.15
N THR D 17 33.19 13.18 -7.87
CA THR D 17 33.43 13.66 -9.22
C THR D 17 33.41 12.49 -10.19
N VAL D 18 32.95 12.75 -11.41
CA VAL D 18 32.79 11.72 -12.42
C VAL D 18 33.17 12.28 -13.78
N THR D 19 33.77 11.46 -14.62
CA THR D 19 34.20 11.86 -15.96
C THR D 19 33.57 10.96 -17.00
N LEU D 20 32.95 11.57 -18.01
CA LEU D 20 32.36 10.87 -19.13
C LEU D 20 33.15 11.23 -20.39
N THR D 21 33.54 10.21 -21.16
CA THR D 21 34.41 10.42 -22.30
C THR D 21 33.67 10.23 -23.62
N CYS D 22 34.31 10.69 -24.69
CA CYS D 22 33.70 10.72 -26.01
C CYS D 22 34.81 10.51 -27.04
N ARG D 23 34.82 9.35 -27.69
CA ARG D 23 35.88 8.96 -28.61
C ARG D 23 35.37 8.99 -30.05
N SER D 24 36.26 9.36 -30.96
CA SER D 24 35.95 9.40 -32.39
C SER D 24 36.66 8.25 -33.10
N SER D 25 35.99 7.68 -34.09
CA SER D 25 36.61 6.63 -34.90
C SER D 25 37.69 7.18 -35.82
N THR D 26 37.70 8.49 -36.07
CA THR D 26 38.70 9.10 -36.93
C THR D 26 40.08 9.15 -36.28
N GLY D 27 40.17 8.96 -34.96
CA GLY D 27 41.45 8.94 -34.30
C GLY D 27 41.51 9.78 -33.03
N ALA D 28 41.46 11.10 -33.18
CA ALA D 28 41.59 12.00 -32.04
C ALA D 28 40.63 13.17 -32.19
N VAL D 29 39.96 13.51 -31.09
CA VAL D 29 39.03 14.63 -31.07
C VAL D 29 39.82 15.92 -30.83
N THR D 30 39.53 16.94 -31.61
CA THR D 30 40.21 18.23 -31.51
C THR D 30 39.19 19.33 -31.25
N THR D 31 39.69 20.57 -31.18
CA THR D 31 38.82 21.72 -31.01
C THR D 31 37.95 21.98 -32.22
N SER D 32 38.36 21.51 -33.40
CA SER D 32 37.59 21.70 -34.62
C SER D 32 36.33 20.85 -34.64
N ASN D 33 36.19 19.87 -33.75
CA ASN D 33 34.99 19.04 -33.70
C ASN D 33 33.85 19.71 -32.94
N TYR D 34 34.13 20.76 -32.17
CA TYR D 34 33.14 21.45 -31.34
C TYR D 34 32.38 20.44 -30.48
N ALA D 35 33.13 19.74 -29.62
CA ALA D 35 32.59 18.66 -28.80
C ALA D 35 31.44 19.13 -27.90
N ASN D 36 30.21 18.86 -28.32
CA ASN D 36 29.03 19.29 -27.57
C ASN D 36 28.56 18.19 -26.63
N TRP D 37 28.06 18.61 -25.47
CA TRP D 37 27.52 17.73 -24.45
C TRP D 37 26.10 18.18 -24.12
N VAL D 38 25.14 17.26 -24.28
CA VAL D 38 23.72 17.51 -24.07
C VAL D 38 23.21 16.52 -23.01
N GLN D 39 22.20 16.93 -22.26
CA GLN D 39 21.64 16.15 -21.17
C GLN D 39 20.17 15.84 -21.44
N GLU D 40 19.80 14.57 -21.28
CA GLU D 40 18.43 14.11 -21.46
C GLU D 40 17.90 13.56 -20.15
N LYS D 41 16.69 13.98 -19.80
CA LYS D 41 15.99 13.59 -18.59
C LYS D 41 14.61 13.07 -18.98
N PRO D 42 13.89 12.40 -18.05
CA PRO D 42 12.57 11.84 -18.38
C PRO D 42 11.61 12.80 -19.07
N ASP D 43 10.65 12.23 -19.80
CA ASP D 43 9.66 12.97 -20.60
C ASP D 43 10.28 13.71 -21.77
N HIS D 44 11.35 13.14 -22.34
CA HIS D 44 11.99 13.65 -23.56
C HIS D 44 12.40 15.11 -23.40
N LEU D 45 13.14 15.39 -22.33
CA LEU D 45 13.61 16.74 -22.03
C LEU D 45 15.12 16.80 -22.29
N PHE D 46 15.51 17.53 -23.32
CA PHE D 46 16.91 17.67 -23.71
C PHE D 46 17.40 19.05 -23.32
N THR D 47 18.60 19.11 -22.74
CA THR D 47 19.21 20.35 -22.29
C THR D 47 20.65 20.40 -22.76
N GLY D 48 21.00 21.43 -23.53
CA GLY D 48 22.39 21.60 -23.92
C GLY D 48 23.22 22.05 -22.74
N LEU D 49 24.33 21.34 -22.51
CA LEU D 49 25.22 21.66 -21.40
C LEU D 49 26.46 22.42 -21.86
N ILE D 50 27.26 21.82 -22.74
CA ILE D 50 28.57 22.36 -23.08
C ILE D 50 28.76 22.39 -24.59
N GLY D 51 29.36 23.47 -25.09
CA GLY D 51 29.77 23.56 -26.46
C GLY D 51 31.27 23.77 -26.59
N GLY D 52 31.71 23.95 -27.83
CA GLY D 52 33.13 23.98 -28.11
C GLY D 52 33.77 22.71 -27.61
N THR D 53 34.84 22.85 -26.82
CA THR D 53 35.34 21.74 -26.03
C THR D 53 35.17 21.98 -24.54
N ASN D 54 34.86 23.21 -24.13
CA ASN D 54 34.71 23.53 -22.72
C ASN D 54 33.79 24.72 -22.49
N ASN D 55 33.15 25.25 -23.54
CA ASN D 55 32.37 26.48 -23.45
C ASN D 55 31.01 26.17 -22.82
N ARG D 56 30.91 26.41 -21.52
CA ARG D 56 29.68 26.14 -20.80
C ARG D 56 28.56 27.07 -21.26
N ALA D 57 27.37 26.49 -21.46
CA ALA D 57 26.23 27.28 -21.88
C ALA D 57 25.65 28.06 -20.69
N PRO D 58 25.08 29.24 -20.94
CA PRO D 58 24.44 29.99 -19.86
C PRO D 58 23.30 29.20 -19.23
N GLY D 59 23.21 29.29 -17.90
CA GLY D 59 22.23 28.52 -17.15
C GLY D 59 22.69 27.15 -16.72
N VAL D 60 23.93 26.78 -17.00
CA VAL D 60 24.49 25.48 -16.62
C VAL D 60 25.34 25.67 -15.37
N PRO D 61 25.21 24.83 -14.35
CA PRO D 61 26.03 24.97 -13.15
C PRO D 61 27.52 24.84 -13.45
N ALA D 62 28.33 25.46 -12.59
CA ALA D 62 29.77 25.46 -12.79
C ALA D 62 30.41 24.09 -12.55
N ARG D 63 29.70 23.17 -11.89
CA ARG D 63 30.25 21.85 -11.64
C ARG D 63 30.41 21.03 -12.91
N PHE D 64 29.76 21.42 -14.00
CA PHE D 64 29.94 20.80 -15.30
C PHE D 64 31.09 21.50 -16.03
N SER D 65 32.12 20.73 -16.41
CA SER D 65 33.23 21.28 -17.16
C SER D 65 33.55 20.36 -18.33
N GLY D 66 34.16 20.94 -19.36
CA GLY D 66 34.56 20.19 -20.53
C GLY D 66 36.05 20.32 -20.77
N SER D 67 36.63 19.30 -21.39
CA SER D 67 38.06 19.32 -21.70
C SER D 67 38.35 18.26 -22.75
N LEU D 68 39.61 18.23 -23.19
CA LEU D 68 40.13 17.18 -24.06
C LEU D 68 41.15 16.39 -23.27
N ILE D 69 40.89 15.10 -23.09
CA ILE D 69 41.77 14.22 -22.34
C ILE D 69 42.25 13.13 -23.29
N GLY D 70 43.57 13.03 -23.46
CA GLY D 70 44.12 12.08 -24.41
C GLY D 70 43.63 12.40 -25.82
N ASP D 71 42.97 11.43 -26.45
CA ASP D 71 42.39 11.62 -27.76
C ASP D 71 40.88 11.76 -27.72
N LYS D 72 40.30 11.91 -26.54
CA LYS D 72 38.85 11.95 -26.38
C LYS D 72 38.41 13.29 -25.81
N ALA D 73 37.15 13.63 -26.07
CA ALA D 73 36.52 14.73 -25.34
C ALA D 73 35.99 14.22 -24.01
N ALA D 74 35.83 15.13 -23.06
CA ALA D 74 35.47 14.70 -21.72
C ALA D 74 34.61 15.75 -21.03
N LEU D 75 33.54 15.27 -20.39
CA LEU D 75 32.68 16.07 -19.53
C LEU D 75 32.88 15.60 -18.09
N THR D 76 33.33 16.52 -17.23
CA THR D 76 33.59 16.23 -15.83
C THR D 76 32.56 16.93 -14.96
N ILE D 77 31.89 16.16 -14.11
CA ILE D 77 30.98 16.69 -13.10
C ILE D 77 31.70 16.62 -11.76
N THR D 78 31.98 17.79 -11.18
CA THR D 78 32.72 17.90 -9.94
C THR D 78 31.74 18.22 -8.81
N GLY D 79 31.49 17.24 -7.94
CA GLY D 79 30.49 17.39 -6.92
C GLY D 79 29.11 17.05 -7.44
N ALA D 80 28.89 15.78 -7.75
CA ALA D 80 27.66 15.36 -8.41
C ALA D 80 26.46 15.49 -7.47
N GLN D 81 25.34 15.91 -8.03
CA GLN D 81 24.07 15.99 -7.32
C GLN D 81 23.15 14.88 -7.78
N THR D 82 22.13 14.60 -6.97
CA THR D 82 21.16 13.58 -7.34
C THR D 82 20.36 14.00 -8.58
N GLU D 83 20.22 15.30 -8.80
CA GLU D 83 19.53 15.79 -9.99
C GLU D 83 20.33 15.58 -11.28
N ASP D 84 21.59 15.17 -11.18
CA ASP D 84 22.44 14.97 -12.35
C ASP D 84 22.26 13.60 -12.99
N GLU D 85 21.52 12.68 -12.35
CA GLU D 85 21.26 11.38 -12.92
C GLU D 85 20.46 11.51 -14.21
N ALA D 86 21.06 11.13 -15.34
CA ALA D 86 20.47 11.44 -16.64
C ALA D 86 21.26 10.72 -17.73
N ILE D 87 20.88 10.95 -18.99
CA ILE D 87 21.59 10.38 -20.13
C ILE D 87 22.36 11.52 -20.80
N TYR D 88 23.67 11.35 -20.93
CA TYR D 88 24.53 12.39 -21.46
C TYR D 88 24.99 12.01 -22.86
N PHE D 89 24.69 12.86 -23.84
CA PHE D 89 25.04 12.63 -25.23
C PHE D 89 26.18 13.54 -25.65
N CYS D 90 27.12 12.98 -26.40
CA CYS D 90 28.21 13.71 -27.03
C CYS D 90 27.88 13.94 -28.50
N ALA D 91 28.42 15.03 -29.05
CA ALA D 91 28.19 15.36 -30.45
C ALA D 91 29.44 15.99 -31.03
N LEU D 92 29.91 15.43 -32.15
CA LEU D 92 31.11 15.92 -32.83
C LEU D 92 30.76 16.37 -34.24
N TRP D 93 31.39 17.47 -34.67
CA TRP D 93 31.13 18.06 -35.98
C TRP D 93 32.17 17.55 -36.98
N TYR D 94 31.68 17.03 -38.11
CA TYR D 94 32.54 16.54 -39.19
C TYR D 94 32.13 17.24 -40.47
N SER D 95 32.92 18.25 -40.87
CA SER D 95 32.77 18.91 -42.16
C SER D 95 31.37 19.47 -42.39
N ASN D 96 30.44 18.63 -42.84
CA ASN D 96 29.10 19.06 -43.23
C ASN D 96 28.00 18.45 -42.38
N HIS D 97 28.32 17.70 -41.33
CA HIS D 97 27.29 17.08 -40.52
C HIS D 97 27.75 16.99 -39.07
N LEU D 98 26.83 16.63 -38.20
CA LEU D 98 27.07 16.43 -36.78
CA LEU D 98 27.16 16.39 -36.80
C LEU D 98 26.70 14.99 -36.41
N VAL D 99 27.57 14.32 -35.65
CA VAL D 99 27.39 12.92 -35.30
C VAL D 99 27.28 12.82 -33.79
N PHE D 100 26.19 12.20 -33.32
CA PHE D 100 25.97 11.96 -31.92
C PHE D 100 26.56 10.61 -31.52
N GLY D 101 26.86 10.48 -30.22
CA GLY D 101 27.22 9.20 -29.64
C GLY D 101 26.00 8.42 -29.20
N GLY D 102 26.26 7.28 -28.56
CA GLY D 102 25.18 6.47 -28.04
C GLY D 102 24.61 6.97 -26.72
N GLY D 103 25.35 7.83 -26.03
CA GLY D 103 24.90 8.33 -24.74
C GLY D 103 25.37 7.47 -23.59
N THR D 104 25.64 8.12 -22.46
CA THR D 104 26.05 7.46 -21.23
C THR D 104 24.95 7.62 -20.20
N LYS D 105 24.54 6.51 -19.59
CA LYS D 105 23.52 6.52 -18.55
C LYS D 105 24.20 6.74 -17.21
N LEU D 106 24.12 7.96 -16.69
CA LEU D 106 24.73 8.30 -15.41
C LEU D 106 23.70 8.13 -14.30
N THR D 107 23.98 7.17 -13.41
CA THR D 107 23.19 6.91 -12.21
C THR D 107 23.87 7.52 -11.00
N VAL D 108 23.09 8.16 -10.14
CA VAL D 108 23.58 8.74 -8.90
C VAL D 108 23.06 7.89 -7.74
N LEU D 109 23.98 7.44 -6.89
CA LEU D 109 23.64 6.53 -5.81
C LEU D 109 23.12 7.32 -4.61
N GLY D 110 23.06 6.65 -3.45
CA GLY D 110 22.63 7.30 -2.22
C GLY D 110 21.16 7.59 -2.12
N GLN D 111 20.39 7.36 -3.17
CA GLN D 111 18.96 7.67 -3.13
C GLN D 111 18.23 6.63 -2.29
N PRO D 112 17.39 7.05 -1.35
CA PRO D 112 16.76 6.08 -0.44
C PRO D 112 15.65 5.30 -1.14
N LYS D 113 15.39 4.12 -0.60
CA LYS D 113 14.31 3.29 -1.11
C LYS D 113 12.97 3.93 -0.80
N SER D 114 12.04 3.84 -1.76
CA SER D 114 10.74 4.47 -1.65
C SER D 114 9.66 3.47 -2.01
N SER D 115 8.67 3.33 -1.13
CA SER D 115 7.58 2.39 -1.36
C SER D 115 6.51 3.03 -2.25
N PRO D 116 5.82 2.23 -3.06
CA PRO D 116 4.91 2.79 -4.06
C PRO D 116 3.61 3.31 -3.47
N SER D 117 3.14 4.41 -4.04
CA SER D 117 1.79 4.90 -3.78
C SER D 117 0.84 4.30 -4.80
N VAL D 118 -0.23 3.68 -4.32
CA VAL D 118 -1.13 2.88 -5.14
C VAL D 118 -2.54 3.45 -5.04
N THR D 119 -3.20 3.57 -6.19
CA THR D 119 -4.59 4.03 -6.25
C THR D 119 -5.40 3.09 -7.13
N LEU D 120 -6.53 2.62 -6.59
CA LEU D 120 -7.39 1.68 -7.29
C LEU D 120 -8.71 2.35 -7.64
N PHE D 121 -8.99 2.46 -8.95
CA PHE D 121 -10.19 3.01 -9.56
C PHE D 121 -11.09 1.90 -10.05
N PRO D 122 -12.37 1.93 -9.67
CA PRO D 122 -13.34 0.98 -10.21
C PRO D 122 -13.79 1.43 -11.59
N PRO D 123 -14.49 0.56 -12.33
CA PRO D 123 -14.99 0.97 -13.64
C PRO D 123 -16.08 2.02 -13.52
N SER D 124 -16.17 2.88 -14.53
CA SER D 124 -17.20 3.90 -14.55
C SER D 124 -18.55 3.30 -14.93
N SER D 125 -19.61 4.07 -14.71
CA SER D 125 -20.94 3.63 -15.12
C SER D 125 -21.03 3.51 -16.64
N GLU D 126 -20.29 4.35 -17.36
CA GLU D 126 -20.34 4.33 -18.83
C GLU D 126 -19.74 3.05 -19.38
N GLU D 127 -18.67 2.55 -18.76
CA GLU D 127 -18.08 1.30 -19.21
C GLU D 127 -18.94 0.11 -18.81
N LEU D 128 -19.55 0.17 -17.62
CA LEU D 128 -20.45 -0.89 -17.20
C LEU D 128 -21.70 -0.97 -18.07
N GLU D 129 -22.05 0.12 -18.77
CA GLU D 129 -23.12 0.05 -19.75
C GLU D 129 -22.77 -0.86 -20.93
N THR D 130 -21.48 -1.06 -21.19
CA THR D 130 -21.04 -2.04 -22.17
C THR D 130 -20.99 -3.41 -21.51
N ASN D 131 -20.49 -4.42 -22.23
CA ASN D 131 -20.37 -5.77 -21.71
C ASN D 131 -18.96 -6.07 -21.20
N LYS D 132 -18.30 -5.08 -20.62
CA LYS D 132 -16.94 -5.26 -20.11
C LYS D 132 -16.72 -4.32 -18.94
N ALA D 133 -15.49 -4.30 -18.42
CA ALA D 133 -15.12 -3.53 -17.25
C ALA D 133 -13.61 -3.56 -17.09
N THR D 134 -13.06 -2.49 -16.53
CA THR D 134 -11.61 -2.33 -16.40
C THR D 134 -11.31 -1.65 -15.07
N LEU D 135 -10.81 -2.41 -14.09
CA LEU D 135 -10.28 -1.85 -12.86
C LEU D 135 -8.86 -1.36 -13.08
N VAL D 136 -8.57 -0.16 -12.59
CA VAL D 136 -7.31 0.53 -12.86
C VAL D 136 -6.53 0.67 -11.56
N CYS D 137 -5.26 0.27 -11.57
CA CYS D 137 -4.41 0.29 -10.37
C CYS D 137 -3.13 1.06 -10.72
N THR D 138 -3.10 2.34 -10.37
CA THR D 138 -1.95 3.19 -10.67
C THR D 138 -0.93 3.14 -9.54
N ILE D 139 0.35 3.20 -9.91
CA ILE D 139 1.47 3.03 -9.00
C ILE D 139 2.49 4.12 -9.29
N THR D 140 2.90 4.86 -8.26
CA THR D 140 3.84 5.96 -8.44
C THR D 140 4.87 5.98 -7.32
N ASP D 141 6.00 6.64 -7.62
CA ASP D 141 6.96 7.06 -6.59
C ASP D 141 7.60 5.89 -5.86
N PHE D 142 7.95 4.83 -6.60
CA PHE D 142 8.67 3.71 -6.02
C PHE D 142 10.09 3.66 -6.55
N TYR D 143 11.03 3.28 -5.67
CA TYR D 143 12.44 3.16 -5.98
C TYR D 143 13.07 2.07 -5.12
N PRO D 144 13.80 1.10 -5.70
CA PRO D 144 14.17 0.90 -7.11
C PRO D 144 12.98 0.66 -8.04
N GLY D 145 13.21 0.78 -9.35
CA GLY D 145 12.14 0.72 -10.33
C GLY D 145 11.80 -0.67 -10.82
N VAL D 146 11.60 -1.60 -9.89
CA VAL D 146 11.12 -2.94 -10.22
C VAL D 146 9.96 -3.24 -9.29
N VAL D 147 8.85 -3.71 -9.85
CA VAL D 147 7.64 -3.93 -9.08
C VAL D 147 6.81 -5.03 -9.76
N THR D 148 6.08 -5.80 -8.95
CA THR D 148 5.16 -6.80 -9.47
C THR D 148 3.76 -6.51 -8.97
N VAL D 149 2.76 -6.93 -9.73
CA VAL D 149 1.37 -6.62 -9.42
C VAL D 149 0.55 -7.89 -9.49
N ASP D 150 -0.22 -8.15 -8.44
CA ASP D 150 -1.21 -9.22 -8.42
C ASP D 150 -2.59 -8.63 -8.15
N TRP D 151 -3.61 -9.39 -8.51
CA TRP D 151 -4.99 -9.01 -8.27
C TRP D 151 -5.68 -10.08 -7.44
N LYS D 152 -6.71 -9.70 -6.70
CA LYS D 152 -7.46 -10.64 -5.88
C LYS D 152 -8.92 -10.24 -5.89
N VAL D 153 -9.77 -11.13 -6.42
CA VAL D 153 -11.22 -10.95 -6.41
C VAL D 153 -11.84 -12.26 -5.94
N ASP D 154 -11.50 -13.35 -6.63
CA ASP D 154 -12.02 -14.68 -6.35
C ASP D 154 -11.01 -15.55 -5.61
N GLY D 155 -10.14 -14.94 -4.80
CA GLY D 155 -9.14 -15.69 -4.07
C GLY D 155 -7.78 -15.65 -4.72
N THR D 156 -7.66 -16.23 -5.91
CA THR D 156 -6.38 -16.30 -6.61
C THR D 156 -6.63 -16.24 -8.12
N PRO D 157 -6.70 -15.03 -8.68
CA PRO D 157 -6.71 -14.92 -10.14
C PRO D 157 -5.45 -15.49 -10.77
N VAL D 158 -5.63 -16.24 -11.85
CA VAL D 158 -4.52 -16.87 -12.56
C VAL D 158 -4.20 -16.11 -13.84
N THR D 159 -5.19 -15.91 -14.71
CA THR D 159 -5.00 -15.15 -15.93
C THR D 159 -5.93 -13.92 -15.93
N GLN D 160 -7.22 -14.12 -16.13
CA GLN D 160 -8.21 -13.03 -16.14
C GLN D 160 -7.79 -12.03 -17.21
N GLY D 161 -7.75 -10.73 -16.91
CA GLY D 161 -7.22 -9.75 -17.85
C GLY D 161 -6.17 -8.89 -17.18
N MET D 162 -5.28 -9.53 -16.40
CA MET D 162 -4.25 -8.82 -15.67
C MET D 162 -3.16 -8.35 -16.63
N GLU D 163 -2.95 -7.05 -16.72
CA GLU D 163 -1.91 -6.49 -17.57
C GLU D 163 -1.22 -5.34 -16.87
N THR D 164 0.09 -5.22 -17.04
CA THR D 164 0.86 -4.16 -16.41
C THR D 164 1.79 -3.50 -17.42
N THR D 165 2.17 -2.27 -17.13
CA THR D 165 3.14 -1.54 -17.94
C THR D 165 4.55 -1.76 -17.41
N GLN D 166 5.52 -1.29 -18.17
CA GLN D 166 6.88 -1.35 -17.66
C GLN D 166 7.18 -0.12 -16.82
N PRO D 167 8.04 -0.25 -15.81
CA PRO D 167 8.39 0.90 -14.98
C PRO D 167 9.02 2.01 -15.80
N SER D 168 8.55 3.23 -15.59
CA SER D 168 9.05 4.41 -16.29
C SER D 168 9.52 5.43 -15.27
N LYS D 169 10.71 5.99 -15.51
CA LYS D 169 11.30 6.91 -14.53
C LYS D 169 10.58 8.25 -14.56
N GLN D 170 10.27 8.77 -13.38
CA GLN D 170 9.67 10.09 -13.24
C GLN D 170 10.76 11.15 -13.16
N SER D 171 10.33 12.42 -13.20
CA SER D 171 11.29 13.52 -13.15
C SER D 171 12.02 13.61 -11.82
N ASN D 172 11.44 13.04 -10.76
CA ASN D 172 12.09 12.98 -9.45
C ASN D 172 12.99 11.76 -9.30
N ASN D 173 13.30 11.07 -10.40
CA ASN D 173 14.12 9.87 -10.46
C ASN D 173 13.49 8.67 -9.79
N LYS D 174 12.22 8.77 -9.37
CA LYS D 174 11.46 7.60 -8.96
C LYS D 174 10.73 7.03 -10.18
N TYR D 175 9.98 5.95 -9.97
CA TYR D 175 9.38 5.23 -11.08
C TYR D 175 7.86 5.14 -10.93
N MET D 176 7.20 4.92 -12.05
CA MET D 176 5.74 4.82 -12.09
C MET D 176 5.34 3.67 -13.01
N ALA D 177 4.10 3.21 -12.84
CA ALA D 177 3.55 2.11 -13.62
C ALA D 177 2.04 2.06 -13.40
N SER D 178 1.38 1.22 -14.17
CA SER D 178 -0.06 1.04 -14.03
C SER D 178 -0.42 -0.40 -14.37
N SER D 179 -1.44 -0.90 -13.67
CA SER D 179 -1.96 -2.24 -13.88
C SER D 179 -3.45 -2.16 -14.17
N TYR D 180 -3.95 -3.18 -14.85
CA TYR D 180 -5.33 -3.22 -15.32
C TYR D 180 -5.87 -4.62 -15.15
N LEU D 181 -7.11 -4.70 -14.65
CA LEU D 181 -7.86 -5.95 -14.61
C LEU D 181 -9.11 -5.76 -15.45
N THR D 182 -9.15 -6.40 -16.62
CA THR D 182 -10.29 -6.36 -17.50
C THR D 182 -11.17 -7.58 -17.26
N LEU D 183 -12.44 -7.35 -16.95
CA LEU D 183 -13.41 -8.40 -16.74
C LEU D 183 -14.69 -8.06 -17.49
N THR D 184 -15.69 -8.91 -17.39
CA THR D 184 -16.96 -8.61 -18.04
C THR D 184 -17.90 -7.89 -17.08
N ALA D 185 -18.87 -7.18 -17.65
CA ALA D 185 -19.84 -6.47 -16.82
C ALA D 185 -20.64 -7.44 -15.96
N GLY D 186 -20.98 -8.61 -16.51
CA GLY D 186 -21.63 -9.63 -15.71
C GLY D 186 -20.75 -10.13 -14.59
N ALA D 187 -19.46 -10.34 -14.87
CA ALA D 187 -18.52 -10.72 -13.82
C ALA D 187 -18.36 -9.62 -12.78
N TRP D 188 -18.46 -8.35 -13.21
CA TRP D 188 -18.41 -7.26 -12.25
C TRP D 188 -19.61 -7.28 -11.33
N GLU D 189 -20.81 -7.46 -11.89
CA GLU D 189 -22.02 -7.53 -11.08
C GLU D 189 -22.03 -8.77 -10.20
N ARG D 190 -21.32 -9.82 -10.60
CA ARG D 190 -21.34 -11.07 -9.83
C ARG D 190 -20.50 -10.96 -8.57
N HIS D 191 -19.29 -10.41 -8.68
CA HIS D 191 -18.38 -10.30 -7.56
C HIS D 191 -18.49 -8.94 -6.88
N ASN D 192 -18.03 -8.88 -5.63
CA ASN D 192 -18.16 -7.68 -4.81
C ASN D 192 -16.83 -7.10 -4.38
N SER D 193 -15.92 -7.92 -3.87
CA SER D 193 -14.65 -7.43 -3.34
C SER D 193 -13.57 -7.49 -4.41
N TYR D 194 -12.80 -6.40 -4.53
CA TYR D 194 -11.74 -6.31 -5.52
C TYR D 194 -10.51 -5.70 -4.86
N SER D 195 -9.33 -6.25 -5.16
CA SER D 195 -8.12 -5.81 -4.51
C SER D 195 -6.93 -5.87 -5.46
N CYS D 196 -6.06 -4.86 -5.38
CA CYS D 196 -4.82 -4.79 -6.14
C CYS D 196 -3.65 -4.80 -5.15
N GLN D 197 -2.76 -5.77 -5.32
CA GLN D 197 -1.55 -5.89 -4.52
C GLN D 197 -0.33 -5.54 -5.35
N VAL D 198 0.56 -4.75 -4.76
CA VAL D 198 1.73 -4.22 -5.45
C VAL D 198 2.95 -4.58 -4.60
N THR D 199 3.76 -5.50 -5.08
CA THR D 199 4.92 -6.00 -4.34
C THR D 199 6.18 -5.32 -4.84
N HIS D 200 6.95 -4.76 -3.90
CA HIS D 200 8.15 -3.97 -4.16
C HIS D 200 9.15 -4.30 -3.06
N GLU D 201 10.32 -4.81 -3.46
CA GLU D 201 11.39 -5.17 -2.52
C GLU D 201 10.91 -6.15 -1.45
N GLY D 202 9.94 -7.00 -1.80
CA GLY D 202 9.42 -7.96 -0.85
C GLY D 202 8.33 -7.46 0.06
N HIS D 203 7.95 -6.19 -0.05
CA HIS D 203 6.89 -5.61 0.77
C HIS D 203 5.69 -5.30 -0.13
N THR D 204 4.49 -5.57 0.37
CA THR D 204 3.27 -5.45 -0.42
C THR D 204 2.44 -4.28 0.05
N VAL D 205 2.07 -3.41 -0.88
CA VAL D 205 1.10 -2.33 -0.65
C VAL D 205 -0.19 -2.73 -1.36
N GLU D 206 -1.30 -2.70 -0.64
CA GLU D 206 -2.55 -3.24 -1.14
C GLU D 206 -3.66 -2.20 -1.05
N LYS D 207 -4.46 -2.11 -2.10
CA LYS D 207 -5.65 -1.28 -2.12
C LYS D 207 -6.84 -2.14 -2.50
N SER D 208 -8.04 -1.70 -2.12
CA SER D 208 -9.21 -2.52 -2.36
C SER D 208 -10.46 -1.65 -2.41
N LEU D 209 -11.49 -2.18 -3.06
CA LEU D 209 -12.79 -1.52 -3.15
C LEU D 209 -13.87 -2.58 -3.32
N SER D 210 -15.12 -2.13 -3.29
CA SER D 210 -16.27 -3.02 -3.44
C SER D 210 -17.41 -2.33 -4.18
N ARG D 211 -18.64 -2.80 -3.92
CA ARG D 211 -19.85 -2.25 -4.55
CA ARG D 211 -19.84 -2.26 -4.56
C ARG D 211 -19.85 -2.44 -6.07
C1 NAG E . -25.46 29.98 37.90
C2 NAG E . -26.52 30.59 36.98
C3 NAG E . -26.50 32.11 37.10
C4 NAG E . -26.62 32.54 38.56
C5 NAG E . -25.55 31.85 39.39
C6 NAG E . -25.67 32.12 40.87
C7 NAG E . -26.70 29.00 35.12
C8 NAG E . -26.39 28.75 33.67
N2 NAG E . -26.30 30.18 35.60
O3 NAG E . -27.58 32.66 36.34
O4 NAG E . -26.48 33.95 38.66
O5 NAG E . -25.67 30.42 39.23
O6 NAG E . -24.54 31.66 41.58
O7 NAG E . -27.28 28.17 35.82
C1 NAG E . -27.54 34.57 39.35
C2 NAG E . -27.08 35.96 39.80
C3 NAG E . -28.23 36.73 40.42
C4 NAG E . -29.43 36.74 39.49
C5 NAG E . -29.79 35.33 39.05
C6 NAG E . -30.90 35.26 38.04
C7 NAG E . -24.91 36.67 40.70
C8 NAG E . -23.86 36.42 41.74
N2 NAG E . -25.97 35.85 40.73
O3 NAG E . -27.82 38.06 40.71
O4 NAG E . -30.55 37.33 40.14
O5 NAG E . -28.64 34.69 38.46
O6 NAG E . -31.29 33.92 37.77
O7 NAG E . -24.81 37.57 39.87
C1 EDO F . -3.79 -42.31 5.75
O1 EDO F . -3.60 -42.22 7.16
C2 EDO F . -3.82 -40.91 5.16
O2 EDO F . -3.81 -40.94 3.73
C1 EDO G . -22.67 -6.86 20.12
O1 EDO G . -21.54 -6.21 20.71
C2 EDO G . -22.47 -8.37 20.15
O2 EDO G . -22.40 -8.82 21.52
C1 EDO H . -22.03 1.98 20.69
O1 EDO H . -21.94 1.02 19.64
C2 EDO H . -21.93 3.40 20.12
O2 EDO H . -22.96 3.58 19.14
C1 EDO I . -1.89 -8.94 29.59
O1 EDO I . -2.01 -7.87 28.65
C2 EDO I . -1.12 -8.46 30.80
O2 EDO I . -1.06 -9.52 31.78
C1 EDO J . -4.38 -38.09 -14.01
O1 EDO J . -5.27 -37.26 -14.77
C2 EDO J . -4.65 -37.90 -12.52
O2 EDO J . -3.76 -38.73 -11.75
C1 EDO K . 10.08 -13.00 16.11
O1 EDO K . 10.65 -12.69 17.39
C2 EDO K . 9.54 -14.43 16.13
O2 EDO K . 8.55 -14.56 17.15
C1 EDO L . -18.01 7.09 19.64
O1 EDO L . -17.91 5.70 20.02
C2 EDO L . -19.32 7.30 18.89
O2 EDO L . -20.39 6.75 19.67
C1 BOG M . -1.14 23.81 15.67
O1 BOG M . -2.26 23.49 14.98
C2 BOG M . -0.60 22.54 16.32
O2 BOG M . -1.47 22.19 17.41
C3 BOG M . 0.78 22.68 16.84
O3 BOG M . 1.28 21.36 17.22
C4 BOG M . 1.72 23.29 15.83
O4 BOG M . 2.98 23.50 16.44
C5 BOG M . 1.18 24.63 15.33
O5 BOG M . -0.14 24.47 14.72
C6 BOG M . 2.13 25.19 14.29
O6 BOG M . 3.24 25.81 14.92
C1' BOG M . -2.01 23.11 13.60
C2' BOG M . -3.33 22.73 12.91
C3' BOG M . -4.42 23.70 13.31
C4' BOG M . -5.68 23.41 12.46
C5' BOG M . -6.90 24.25 12.99
C6' BOG M . -8.08 24.07 12.05
C7' BOG M . -9.21 25.01 12.46
C8' BOG M . -10.28 25.09 11.30
C1 EDO N . -25.44 18.16 37.60
O1 EDO N . -25.51 19.51 38.04
C2 EDO N . -26.62 17.38 38.17
O2 EDO N . -26.52 16.00 37.79
C1 EDO O . 36.00 17.67 -39.31
O1 EDO O . 35.13 18.77 -39.60
C2 EDO O . 37.22 18.17 -38.54
O2 EDO O . 36.79 18.83 -37.35
#